data_5YFT
#
_entry.id   5YFT
#
_cell.length_a   98.810
_cell.length_b   98.810
_cell.length_c   257.081
_cell.angle_alpha   90.000
_cell.angle_beta   90.000
_cell.angle_gamma   120.000
#
_symmetry.space_group_name_H-M   'P 31 1 2'
#
loop_
_entity.id
_entity.type
_entity.pdbx_description
1 polymer 'Ribose 1,5-bisphosphate isomerase'
2 non-polymer 1,5-di-O-phosphono-alpha-D-ribofuranose
3 non-polymer 'POTASSIUM ION'
4 non-polymer 'CHLORIDE ION'
5 non-polymer (4R)-2-METHYLPENTANE-2,4-DIOL
6 non-polymer DI(HYDROXYETHYL)ETHER
7 non-polymer 1,2-ETHANEDIOL
8 water water
#
_entity_poly.entity_id   1
_entity_poly.type   'polypeptide(L)'
_entity_poly.pdbx_seq_one_letter_code
;MGAMIVKEVYETAEKIKSMEIRGAGRIARAAAQALMIQAEKSKAKEPEELWNELKVASKILYNTRPTAVSLPNALRYVMH
RVKAAYLGGADLETLRFTAINSAKEFIYNSEKAIERIGEIGAKRIEDGDIIMTHCHSKAAISVMKKAFEQGKNIKVIVTE
TRPKWQGKITAKELASYGIPVIYIVDSAARHYMKMTDKVVMGANSITANGAVINKIGTSLIALTAKEHRVWVMIAAETYK
FHPATMLGQLVEIEMRDPTEVIPEEELRTWPKNIEVWNPAFDVTPPEYIDVIITERGIIPPYAAIDILKEEFGWALKYKE
PWED
;
_entity_poly.pdbx_strand_id   A,B,C
#
loop_
_chem_comp.id
_chem_comp.type
_chem_comp.name
_chem_comp.formula
CL non-polymer 'CHLORIDE ION' 'Cl -1'
EDO non-polymer 1,2-ETHANEDIOL 'C2 H6 O2'
K non-polymer 'POTASSIUM ION' 'K 1'
MRD non-polymer (4R)-2-METHYLPENTANE-2,4-DIOL 'C6 H14 O2'
PEG non-polymer DI(HYDROXYETHYL)ETHER 'C4 H10 O3'
RI2 D-saccharide, alpha linking 1,5-di-O-phosphono-alpha-D-ribofuranose 'C5 H12 O11 P2'
#
# COMPACT_ATOMS: atom_id res chain seq x y z
N ALA A 3 -35.93 26.05 13.75
CA ALA A 3 -36.05 24.77 14.57
C ALA A 3 -35.78 24.99 16.07
N MET A 4 -36.44 24.21 16.94
CA MET A 4 -36.31 24.37 18.39
C MET A 4 -35.09 23.53 18.81
N ILE A 5 -33.90 24.13 18.74
CA ILE A 5 -32.68 23.44 19.09
C ILE A 5 -32.49 23.51 20.58
N VAL A 6 -32.28 22.39 21.24
CA VAL A 6 -32.09 22.42 22.69
C VAL A 6 -30.76 23.01 23.17
N LYS A 7 -30.78 23.42 24.41
CA LYS A 7 -29.67 24.13 24.97
C LYS A 7 -28.34 23.28 24.89
N GLU A 8 -28.43 21.94 25.00
CA GLU A 8 -27.24 21.06 25.07
C GLU A 8 -26.47 21.02 23.78
N VAL A 9 -27.16 21.27 22.67
CA VAL A 9 -26.56 21.34 21.39
C VAL A 9 -25.70 22.60 21.29
N TYR A 10 -26.28 23.73 21.69
CA TYR A 10 -25.53 24.99 21.68
C TYR A 10 -24.33 24.93 22.65
N GLU A 11 -24.50 24.39 23.86
CA GLU A 11 -23.42 24.35 24.85
C GLU A 11 -22.26 23.46 24.38
N THR A 12 -22.58 22.32 23.74
CA THR A 12 -21.61 21.38 23.23
C THR A 12 -20.89 22.08 22.08
N ALA A 13 -21.62 22.73 21.18
CA ALA A 13 -20.93 23.42 20.12
C ALA A 13 -19.92 24.45 20.71
N GLU A 14 -20.33 25.26 21.70
CA GLU A 14 -19.48 26.30 22.27
C GLU A 14 -18.26 25.63 22.89
N LYS A 15 -18.47 24.51 23.58
CA LYS A 15 -17.38 23.85 24.30
C LYS A 15 -16.38 23.11 23.42
N ILE A 16 -16.80 22.73 22.22
CA ILE A 16 -15.88 22.24 21.22
C ILE A 16 -15.05 23.37 20.68
N LYS A 17 -15.72 24.44 20.21
CA LYS A 17 -15.07 25.71 19.79
C LYS A 17 -14.01 26.26 20.76
N SER A 18 -14.31 26.31 22.04
CA SER A 18 -13.36 26.80 23.04
C SER A 18 -12.31 25.78 23.48
N MET A 19 -12.46 24.52 23.04
CA MET A 19 -11.67 23.40 23.50
C MET A 19 -11.81 23.08 24.97
N GLU A 20 -12.87 23.51 25.62
CA GLU A 20 -13.19 22.90 26.95
C GLU A 20 -13.47 21.35 26.81
N ILE A 21 -13.99 20.98 25.66
CA ILE A 21 -14.02 19.58 25.24
C ILE A 21 -13.09 19.51 24.04
N ARG A 22 -12.09 18.65 24.12
CA ARG A 22 -11.11 18.53 23.03
C ARG A 22 -10.62 17.08 22.91
N GLY A 23 -9.74 16.84 21.92
CA GLY A 23 -9.30 15.47 21.60
C GLY A 23 -10.26 14.96 20.54
N ALA A 24 -9.74 14.41 19.44
CA ALA A 24 -10.55 14.14 18.28
C ALA A 24 -11.67 13.08 18.53
N GLY A 25 -11.37 12.02 19.28
CA GLY A 25 -12.39 11.04 19.59
C GLY A 25 -13.47 11.61 20.53
N ARG A 26 -13.03 12.35 21.52
CA ARG A 26 -13.95 12.92 22.45
C ARG A 26 -14.98 13.92 21.88
N ILE A 27 -14.56 14.75 20.95
CA ILE A 27 -15.46 15.71 20.42
C ILE A 27 -16.48 14.99 19.53
N ALA A 28 -16.05 13.88 18.93
CA ALA A 28 -16.91 13.08 18.04
C ALA A 28 -18.02 12.43 18.88
N ARG A 29 -17.67 11.85 20.00
CA ARG A 29 -18.65 11.37 20.97
C ARG A 29 -19.57 12.45 21.53
N ALA A 30 -18.98 13.60 21.91
CA ALA A 30 -19.79 14.72 22.34
C ALA A 30 -20.78 15.18 21.22
N ALA A 31 -20.35 15.24 19.96
CA ALA A 31 -21.27 15.59 18.90
C ALA A 31 -22.46 14.55 18.79
N ALA A 32 -22.15 13.27 18.94
CA ALA A 32 -23.15 12.24 18.83
C ALA A 32 -24.08 12.40 20.05
N GLN A 33 -23.48 12.64 21.19
CA GLN A 33 -24.21 12.83 22.41
C GLN A 33 -25.16 14.06 22.32
N ALA A 34 -24.74 15.09 21.64
CA ALA A 34 -25.62 16.24 21.45
C ALA A 34 -26.85 15.94 20.57
N LEU A 35 -26.63 15.29 19.44
CA LEU A 35 -27.74 14.80 18.64
C LEU A 35 -28.65 13.87 19.45
N MET A 36 -28.08 13.01 20.31
CA MET A 36 -28.87 12.15 21.13
C MET A 36 -29.87 12.99 21.98
N ILE A 37 -29.37 14.05 22.61
CA ILE A 37 -30.17 14.86 23.52
C ILE A 37 -31.23 15.68 22.78
N GLN A 38 -30.90 16.23 21.63
CA GLN A 38 -31.87 16.85 20.75
C GLN A 38 -33.11 15.92 20.48
N ALA A 39 -32.86 14.67 20.06
CA ALA A 39 -33.89 13.71 19.78
C ALA A 39 -34.64 13.29 21.05
N GLU A 40 -33.94 13.11 22.16
CA GLU A 40 -34.62 12.77 23.39
C GLU A 40 -35.65 13.82 23.80
N LYS A 41 -35.27 15.11 23.69
CA LYS A 41 -35.98 16.25 24.26
C LYS A 41 -36.84 16.99 23.26
N SER A 42 -36.70 16.66 22.00
CA SER A 42 -37.48 17.33 20.99
C SER A 42 -39.00 17.22 21.34
N LYS A 43 -39.69 18.32 21.12
CA LYS A 43 -41.14 18.38 21.24
C LYS A 43 -41.78 18.34 19.85
N ALA A 44 -41.00 17.98 18.85
CA ALA A 44 -41.60 17.73 17.55
C ALA A 44 -42.77 16.68 17.65
N LYS A 45 -43.75 16.82 16.75
CA LYS A 45 -44.91 15.88 16.63
C LYS A 45 -45.01 15.20 15.27
N GLU A 46 -44.42 15.79 14.24
CA GLU A 46 -44.23 15.15 12.96
C GLU A 46 -42.79 14.59 12.88
N PRO A 47 -42.61 13.47 12.16
CA PRO A 47 -41.26 13.13 11.70
C PRO A 47 -40.50 14.28 11.04
N GLU A 48 -41.15 14.99 10.12
CA GLU A 48 -40.56 16.08 9.32
C GLU A 48 -39.95 17.14 10.22
N GLU A 49 -40.61 17.42 11.34
CA GLU A 49 -40.18 18.43 12.25
C GLU A 49 -38.89 17.96 12.94
N LEU A 50 -38.81 16.70 13.39
CA LEU A 50 -37.65 16.18 14.16
C LEU A 50 -36.47 16.06 13.22
N TRP A 51 -36.72 15.60 11.99
CA TRP A 51 -35.73 15.54 10.97
C TRP A 51 -35.04 16.89 10.76
N ASN A 52 -35.84 17.94 10.69
CA ASN A 52 -35.36 19.27 10.41
C ASN A 52 -34.52 19.80 11.61
N GLU A 53 -34.96 19.52 12.86
CA GLU A 53 -34.18 19.76 14.05
C GLU A 53 -32.79 19.08 14.02
N LEU A 54 -32.75 17.82 13.60
CA LEU A 54 -31.54 17.06 13.66
C LEU A 54 -30.61 17.53 12.56
N LYS A 55 -31.17 17.89 11.38
CA LYS A 55 -30.40 18.53 10.35
C LYS A 55 -29.72 19.82 10.84
N VAL A 56 -30.48 20.66 11.57
CA VAL A 56 -29.99 21.99 11.95
C VAL A 56 -28.92 21.82 13.01
N ALA A 57 -29.22 21.01 14.04
CA ALA A 57 -28.25 20.57 15.06
C ALA A 57 -26.92 20.03 14.49
N SER A 58 -27.02 19.19 13.48
CA SER A 58 -25.89 18.63 12.83
C SER A 58 -25.02 19.76 12.22
N LYS A 59 -25.64 20.76 11.60
CA LYS A 59 -24.88 21.87 10.99
C LYS A 59 -24.21 22.71 12.08
N ILE A 60 -24.92 22.94 13.15
CA ILE A 60 -24.34 23.67 14.25
C ILE A 60 -23.08 22.95 14.73
N LEU A 61 -23.18 21.62 14.90
CA LEU A 61 -22.05 20.83 15.46
C LEU A 61 -20.88 20.73 14.49
N TYR A 62 -21.18 20.62 13.22
CA TYR A 62 -20.15 20.53 12.20
C TYR A 62 -19.33 21.80 12.01
N ASN A 63 -19.98 22.97 12.19
CA ASN A 63 -19.32 24.27 12.04
C ASN A 63 -18.54 24.70 13.33
N THR A 64 -17.96 23.76 14.08
CA THR A 64 -17.31 24.07 15.33
C THR A 64 -15.81 24.10 15.03
N ARG A 65 -15.18 22.92 14.76
CA ARG A 65 -13.73 22.83 14.43
C ARG A 65 -13.60 21.99 13.17
N PRO A 66 -12.80 22.40 12.19
CA PRO A 66 -12.82 21.75 10.85
C PRO A 66 -11.88 20.57 10.63
N THR A 67 -10.81 20.48 11.41
CA THR A 67 -9.71 19.59 11.04
C THR A 67 -9.94 18.10 11.39
N ALA A 68 -10.49 17.82 12.57
CA ALA A 68 -10.64 16.45 12.96
C ALA A 68 -11.92 15.90 12.25
N VAL A 69 -11.75 15.00 11.28
CA VAL A 69 -12.87 14.37 10.55
C VAL A 69 -13.64 13.43 11.47
N SER A 70 -13.13 13.15 12.66
CA SER A 70 -13.88 12.36 13.59
C SER A 70 -15.29 12.97 13.86
N LEU A 71 -15.38 14.29 13.86
CA LEU A 71 -16.61 14.98 14.19
C LEU A 71 -17.66 14.75 13.07
N PRO A 72 -17.40 15.15 11.84
CA PRO A 72 -18.37 14.84 10.80
C PRO A 72 -18.64 13.36 10.60
N ASN A 73 -17.64 12.50 10.90
CA ASN A 73 -17.89 11.06 10.77
C ASN A 73 -18.90 10.62 11.82
N ALA A 74 -18.85 11.16 13.01
CA ALA A 74 -19.84 10.83 14.03
C ALA A 74 -21.25 11.29 13.60
N LEU A 75 -21.30 12.48 13.03
CA LEU A 75 -22.54 13.09 12.66
C LEU A 75 -23.12 12.24 11.51
N ARG A 76 -22.27 11.80 10.55
CA ARG A 76 -22.68 10.98 9.49
C ARG A 76 -23.21 9.64 9.95
N TYR A 77 -22.58 9.04 10.99
CA TYR A 77 -22.96 7.76 11.51
C TYR A 77 -24.42 7.80 12.00
N VAL A 78 -24.74 8.82 12.80
CA VAL A 78 -26.11 9.08 13.27
C VAL A 78 -27.04 9.42 12.10
N MET A 79 -26.69 10.42 11.32
CA MET A 79 -27.59 10.93 10.30
C MET A 79 -27.78 10.19 8.96
N HIS A 80 -26.91 9.27 8.61
CA HIS A 80 -27.16 8.38 7.47
C HIS A 80 -28.33 7.47 7.91
N ARG A 81 -28.29 7.06 9.15
CA ARG A 81 -29.28 6.17 9.69
C ARG A 81 -30.59 6.90 9.94
N VAL A 82 -30.50 8.15 10.38
CA VAL A 82 -31.69 8.94 10.62
C VAL A 82 -32.32 9.25 9.29
N LYS A 83 -31.53 9.67 8.31
CA LYS A 83 -32.04 10.03 7.01
C LYS A 83 -32.74 8.87 6.30
N ALA A 84 -32.16 7.67 6.40
CA ALA A 84 -32.69 6.55 5.68
C ALA A 84 -34.04 6.15 6.33
N ALA A 85 -34.19 6.25 7.65
CA ALA A 85 -35.40 5.93 8.31
C ALA A 85 -36.46 6.92 7.89
N TYR A 86 -36.12 8.21 7.91
CA TYR A 86 -37.03 9.27 7.49
C TYR A 86 -37.46 9.09 6.04
N LEU A 87 -36.55 8.92 5.09
CA LEU A 87 -36.93 8.76 3.69
C LEU A 87 -37.75 7.47 3.44
N GLY A 88 -37.60 6.48 4.30
CA GLY A 88 -38.37 5.24 4.23
C GLY A 88 -39.67 5.32 5.02
N GLY A 89 -40.04 6.52 5.43
CA GLY A 89 -41.32 6.79 6.02
C GLY A 89 -41.43 6.45 7.47
N ALA A 90 -40.37 6.54 8.26
CA ALA A 90 -40.53 6.30 9.70
C ALA A 90 -41.40 7.39 10.30
N ASP A 91 -42.19 6.95 11.25
CA ASP A 91 -43.03 7.81 12.07
C ASP A 91 -42.17 8.44 13.14
N LEU A 92 -42.73 9.40 13.88
CA LEU A 92 -42.01 10.14 14.89
C LEU A 92 -41.17 9.31 15.83
N GLU A 93 -41.76 8.29 16.44
CA GLU A 93 -41.05 7.59 17.52
C GLU A 93 -39.96 6.67 16.97
N THR A 94 -40.14 6.25 15.75
CA THR A 94 -39.21 5.39 15.08
C THR A 94 -38.00 6.27 14.60
N LEU A 95 -38.28 7.50 14.15
CA LEU A 95 -37.21 8.43 13.77
C LEU A 95 -36.45 8.78 15.02
N ARG A 96 -37.15 9.08 16.10
CA ARG A 96 -36.52 9.38 17.35
C ARG A 96 -35.63 8.29 17.84
N PHE A 97 -36.14 7.09 17.94
CA PHE A 97 -35.31 6.00 18.49
C PHE A 97 -34.06 5.75 17.62
N THR A 98 -34.20 5.86 16.29
CA THR A 98 -33.15 5.72 15.34
C THR A 98 -32.03 6.73 15.56
N ALA A 99 -32.37 7.97 15.91
CA ALA A 99 -31.36 8.98 16.26
C ALA A 99 -30.70 8.62 17.59
N ILE A 100 -31.50 8.34 18.59
CA ILE A 100 -30.93 8.05 19.87
C ILE A 100 -30.03 6.78 19.90
N ASN A 101 -30.45 5.76 19.17
CA ASN A 101 -29.74 4.51 19.12
C ASN A 101 -28.52 4.54 18.19
N SER A 102 -28.62 5.10 16.99
CA SER A 102 -27.45 5.35 16.23
C SER A 102 -26.36 6.12 17.06
N ALA A 103 -26.76 7.15 17.79
CA ALA A 103 -25.83 7.90 18.60
C ALA A 103 -25.23 7.04 19.67
N LYS A 104 -26.03 6.22 20.37
CA LYS A 104 -25.47 5.39 21.46
C LYS A 104 -24.48 4.37 20.87
N GLU A 105 -24.73 3.90 19.65
CA GLU A 105 -23.88 2.93 18.95
C GLU A 105 -22.49 3.54 18.68
N PHE A 106 -22.48 4.72 18.03
CA PHE A 106 -21.28 5.50 17.79
C PHE A 106 -20.44 5.64 19.04
N ILE A 107 -21.05 6.01 20.15
CA ILE A 107 -20.32 6.30 21.40
C ILE A 107 -19.68 5.05 21.96
N TYR A 108 -20.49 4.00 22.02
CA TYR A 108 -20.07 2.66 22.47
C TYR A 108 -18.89 2.07 21.62
N ASN A 109 -19.05 2.10 20.33
CA ASN A 109 -18.05 1.63 19.35
C ASN A 109 -16.75 2.45 19.47
N SER A 110 -16.87 3.77 19.69
CA SER A 110 -15.74 4.62 19.95
C SER A 110 -14.97 4.15 21.14
N GLU A 111 -15.67 4.00 22.24
CA GLU A 111 -15.10 3.50 23.47
C GLU A 111 -14.42 2.14 23.34
N LYS A 112 -15.05 1.22 22.62
CA LYS A 112 -14.51 -0.12 22.43
C LYS A 112 -13.29 -0.10 21.53
N ALA A 113 -13.38 0.73 20.49
CA ALA A 113 -12.31 0.93 19.54
C ALA A 113 -10.96 1.39 20.22
N ILE A 114 -11.08 2.30 21.18
CA ILE A 114 -9.96 2.84 21.92
C ILE A 114 -9.37 1.78 22.80
N GLU A 115 -10.22 1.02 23.48
CA GLU A 115 -9.72 -0.09 24.31
C GLU A 115 -8.93 -1.12 23.45
N ARG A 116 -9.48 -1.41 22.28
CA ARG A 116 -8.91 -2.35 21.39
C ARG A 116 -7.55 -1.88 20.76
N ILE A 117 -7.52 -0.66 20.28
CA ILE A 117 -6.30 -0.02 19.88
C ILE A 117 -5.25 -0.17 20.99
N GLY A 118 -5.60 0.00 22.21
CA GLY A 118 -4.68 -0.18 23.27
C GLY A 118 -4.09 -1.58 23.41
N GLU A 119 -4.94 -2.60 23.27
CA GLU A 119 -4.53 -4.03 23.39
C GLU A 119 -3.58 -4.41 22.24
N ILE A 120 -3.91 -3.91 21.06
CA ILE A 120 -3.14 -4.20 19.90
C ILE A 120 -1.75 -3.50 19.94
N GLY A 121 -1.73 -2.19 20.18
CA GLY A 121 -0.53 -1.40 20.19
C GLY A 121 0.38 -1.81 21.32
N ALA A 122 -0.20 -2.22 22.42
CA ALA A 122 0.62 -2.66 23.54
C ALA A 122 1.52 -3.86 23.20
N LYS A 123 1.10 -4.70 22.24
CA LYS A 123 1.92 -5.86 21.81
C LYS A 123 3.18 -5.44 21.11
N ARG A 124 3.19 -4.23 20.56
CA ARG A 124 4.36 -3.62 19.99
C ARG A 124 5.27 -2.96 21.00
N ILE A 125 4.86 -2.80 22.22
CA ILE A 125 5.67 -2.14 23.18
C ILE A 125 6.39 -3.25 23.92
N GLU A 126 7.67 -3.06 24.29
CA GLU A 126 8.51 -4.12 24.89
C GLU A 126 8.97 -3.64 26.23
N ASP A 127 9.22 -4.58 27.10
CA ASP A 127 9.70 -4.27 28.43
C ASP A 127 10.98 -3.39 28.34
N GLY A 128 11.17 -2.46 29.24
CA GLY A 128 12.29 -1.51 29.15
C GLY A 128 12.10 -0.32 28.18
N ASP A 129 11.01 -0.31 27.42
CA ASP A 129 10.82 0.74 26.40
C ASP A 129 10.70 2.17 26.99
N ILE A 130 11.41 3.09 26.31
CA ILE A 130 11.20 4.49 26.44
C ILE A 130 10.37 4.93 25.33
N ILE A 131 9.19 5.46 25.64
CA ILE A 131 8.25 5.89 24.59
C ILE A 131 8.09 7.39 24.60
N MET A 132 8.24 8.05 23.47
CA MET A 132 7.92 9.45 23.35
C MET A 132 6.53 9.65 22.78
N THR A 133 5.81 10.61 23.34
CA THR A 133 4.53 10.98 22.80
C THR A 133 4.39 12.47 22.56
N HIS A 134 3.23 12.85 22.03
CA HIS A 134 2.97 14.26 21.77
C HIS A 134 1.47 14.53 22.05
N CYS A 135 1.19 15.78 22.47
CA CYS A 135 -0.17 16.20 22.84
C CYS A 135 -0.80 15.21 23.81
N HIS A 136 -2.12 15.11 23.75
CA HIS A 136 -2.88 14.28 24.65
C HIS A 136 -3.91 13.50 23.80
N SER A 137 -3.57 12.25 23.56
CA SER A 137 -4.38 11.37 22.64
C SER A 137 -4.76 10.19 23.46
N LYS A 138 -6.07 10.02 23.63
CA LYS A 138 -6.60 8.90 24.37
C LYS A 138 -6.24 7.58 23.68
N ALA A 139 -6.20 7.58 22.36
CA ALA A 139 -5.82 6.39 21.63
C ALA A 139 -4.38 6.03 21.95
N ALA A 140 -3.45 7.02 21.91
CA ALA A 140 -2.05 6.74 22.24
C ALA A 140 -1.86 6.35 23.67
N ILE A 141 -2.62 6.97 24.56
CA ILE A 141 -2.57 6.61 26.01
C ILE A 141 -3.09 5.22 26.30
N SER A 142 -4.12 4.82 25.54
CA SER A 142 -4.64 3.48 25.68
C SER A 142 -3.50 2.43 25.49
N VAL A 143 -2.65 2.67 24.48
CA VAL A 143 -1.54 1.82 24.18
C VAL A 143 -0.59 1.74 25.33
N MET A 144 -0.19 2.89 25.82
CA MET A 144 0.80 2.94 26.88
C MET A 144 0.31 2.42 28.18
N LYS A 145 -0.91 2.75 28.51
CA LYS A 145 -1.49 2.28 29.72
C LYS A 145 -1.60 0.74 29.70
N LYS A 146 -2.06 0.18 28.59
CA LYS A 146 -2.18 -1.28 28.52
C LYS A 146 -0.80 -1.95 28.63
N ALA A 147 0.20 -1.37 27.95
CA ALA A 147 1.58 -1.91 28.06
C ALA A 147 2.05 -1.93 29.53
N PHE A 148 1.76 -0.85 30.26
CA PHE A 148 2.16 -0.78 31.69
C PHE A 148 1.45 -1.82 32.51
N GLU A 149 0.17 -2.02 32.26
CA GLU A 149 -0.64 -2.99 32.98
C GLU A 149 -0.23 -4.38 32.64
N GLN A 150 0.30 -4.60 31.44
CA GLN A 150 0.94 -5.92 31.16
C GLN A 150 2.22 -6.20 31.93
N GLY A 151 2.68 -5.32 32.80
CA GLY A 151 3.97 -5.50 33.53
C GLY A 151 5.23 -5.07 32.77
N LYS A 152 5.09 -4.44 31.62
CA LYS A 152 6.28 -3.88 30.93
C LYS A 152 6.73 -2.60 31.66
N ASN A 153 8.00 -2.53 32.00
CA ASN A 153 8.54 -1.46 32.78
C ASN A 153 8.90 -0.42 31.72
N ILE A 154 8.01 0.55 31.52
CA ILE A 154 8.16 1.56 30.48
C ILE A 154 8.36 2.93 31.10
N LYS A 155 8.84 3.90 30.35
CA LYS A 155 8.83 5.28 30.74
C LYS A 155 8.44 6.09 29.56
N VAL A 156 7.68 7.13 29.81
CA VAL A 156 7.16 7.93 28.75
C VAL A 156 7.69 9.37 28.81
N ILE A 157 8.25 9.76 27.68
CA ILE A 157 8.68 11.14 27.48
C ILE A 157 7.51 11.91 26.88
N VAL A 158 7.06 12.91 27.58
CA VAL A 158 5.88 13.69 27.25
C VAL A 158 6.36 15.04 26.87
N THR A 159 6.00 15.43 25.64
CA THR A 159 6.34 16.75 25.15
C THR A 159 5.25 17.75 25.55
N GLU A 160 5.63 18.98 25.93
CA GLU A 160 4.67 19.87 26.55
C GLU A 160 3.48 20.27 25.66
N THR A 161 3.73 20.29 24.37
CA THR A 161 2.80 20.57 23.32
C THR A 161 2.21 21.97 23.44
N ARG A 162 3.03 22.97 23.11
CA ARG A 162 2.58 24.34 22.98
C ARG A 162 1.62 24.43 21.82
N PRO A 163 0.72 25.44 21.77
CA PRO A 163 0.59 26.46 22.78
C PRO A 163 -0.34 26.08 23.93
N LYS A 164 -1.20 25.07 23.75
CA LYS A 164 -2.25 24.83 24.73
C LYS A 164 -1.82 23.93 25.81
N TRP A 165 -0.61 23.40 25.75
CA TRP A 165 -0.05 22.68 26.92
C TRP A 165 -0.72 21.33 27.22
N GLN A 166 -1.18 20.66 26.18
CA GLN A 166 -1.89 19.35 26.34
C GLN A 166 -0.99 18.34 26.98
N GLY A 167 0.33 18.56 26.82
CA GLY A 167 1.29 17.72 27.48
C GLY A 167 1.19 17.60 28.97
N LYS A 168 0.80 18.66 29.65
CA LYS A 168 0.54 18.60 31.12
C LYS A 168 -0.63 17.65 31.45
N ILE A 169 -1.62 17.59 30.56
CA ILE A 169 -2.75 16.68 30.80
C ILE A 169 -2.17 15.26 30.73
N THR A 170 -1.38 15.03 29.68
CA THR A 170 -0.79 13.70 29.46
C THR A 170 0.15 13.25 30.58
N ALA A 171 1.02 14.14 31.01
CA ALA A 171 2.00 13.84 32.06
C ALA A 171 1.32 13.42 33.38
N LYS A 172 0.36 14.22 33.78
CA LYS A 172 -0.39 13.93 35.01
C LYS A 172 -1.25 12.65 34.87
N GLU A 173 -1.95 12.48 33.75
CA GLU A 173 -2.70 11.19 33.52
C GLU A 173 -1.83 9.95 33.53
N LEU A 174 -0.76 9.91 32.76
CA LEU A 174 0.16 8.75 32.81
C LEU A 174 0.75 8.52 34.21
N ALA A 175 1.19 9.59 34.87
CA ALA A 175 1.79 9.46 36.18
C ALA A 175 0.77 8.88 37.20
N SER A 176 -0.50 9.28 37.08
CA SER A 176 -1.54 8.83 37.99
C SER A 176 -1.81 7.35 37.77
N TYR A 177 -1.51 6.79 36.57
CA TYR A 177 -1.59 5.31 36.37
C TYR A 177 -0.39 4.58 36.90
N GLY A 178 0.62 5.28 37.43
CA GLY A 178 1.84 4.66 37.94
C GLY A 178 3.01 4.66 36.94
N ILE A 179 2.83 5.30 35.80
CA ILE A 179 3.86 5.27 34.76
C ILE A 179 4.86 6.39 35.00
N PRO A 180 6.15 6.07 34.99
CA PRO A 180 7.19 7.14 35.04
C PRO A 180 7.19 8.01 33.77
N VAL A 181 7.29 9.30 34.00
CA VAL A 181 7.24 10.30 32.98
C VAL A 181 8.43 11.24 33.01
N ILE A 182 8.92 11.56 31.84
CA ILE A 182 9.91 12.60 31.60
C ILE A 182 9.25 13.66 30.78
N TYR A 183 9.16 14.89 31.34
CA TYR A 183 8.55 16.02 30.67
C TYR A 183 9.58 16.91 30.08
N ILE A 184 9.39 17.24 28.81
CA ILE A 184 10.32 18.11 28.07
C ILE A 184 9.56 19.05 27.23
N VAL A 185 10.27 20.10 26.79
CA VAL A 185 9.70 21.02 25.86
C VAL A 185 9.76 20.44 24.47
N ASP A 186 8.91 20.91 23.58
CA ASP A 186 8.79 20.35 22.21
C ASP A 186 10.11 20.38 21.48
N SER A 187 10.84 21.47 21.69
CA SER A 187 12.22 21.71 21.09
C SER A 187 13.22 20.63 21.43
N ALA A 188 13.02 19.92 22.53
CA ALA A 188 13.96 18.94 22.96
C ALA A 188 13.74 17.54 22.39
N ALA A 189 12.82 17.39 21.42
CA ALA A 189 12.46 16.08 20.88
C ALA A 189 13.60 15.39 20.12
N ARG A 190 14.40 16.15 19.37
CA ARG A 190 15.55 15.55 18.71
C ARG A 190 16.59 15.15 19.71
N HIS A 191 16.84 16.02 20.67
CA HIS A 191 17.86 15.79 21.63
C HIS A 191 17.63 14.48 22.39
N TYR A 192 16.38 14.12 22.65
CA TYR A 192 16.09 12.91 23.38
C TYR A 192 15.60 11.75 22.48
N MET A 193 15.71 11.87 21.17
CA MET A 193 15.29 10.78 20.28
C MET A 193 16.27 9.60 20.29
N LYS A 194 17.55 9.83 20.58
CA LYS A 194 18.54 8.75 20.71
C LYS A 194 18.16 7.77 21.82
N MET A 195 17.64 8.27 22.93
CA MET A 195 17.29 7.38 24.02
C MET A 195 15.89 6.76 23.85
N THR A 196 15.07 7.28 22.94
CA THR A 196 13.71 6.82 22.71
C THR A 196 13.68 5.48 21.89
N ASP A 197 12.92 4.50 22.36
CA ASP A 197 12.66 3.29 21.55
C ASP A 197 11.49 3.37 20.65
N LYS A 198 10.45 4.10 21.03
CA LYS A 198 9.19 4.09 20.26
C LYS A 198 8.54 5.43 20.40
N VAL A 199 7.92 5.90 19.31
CA VAL A 199 7.06 7.04 19.35
C VAL A 199 5.59 6.60 19.05
N VAL A 200 4.68 7.02 19.93
CA VAL A 200 3.25 6.70 19.88
C VAL A 200 2.47 8.01 20.00
N MET A 201 1.78 8.35 18.93
CA MET A 201 1.02 9.56 18.84
C MET A 201 -0.36 9.26 18.23
N GLY A 202 -1.26 10.24 18.34
CA GLY A 202 -2.65 10.08 17.88
C GLY A 202 -2.84 10.69 16.54
N ALA A 203 -4.13 10.88 16.16
CA ALA A 203 -4.52 11.50 14.89
C ALA A 203 -5.88 12.20 14.94
N ASN A 204 -6.03 13.22 14.12
CA ASN A 204 -7.25 13.95 13.98
C ASN A 204 -7.90 13.58 12.69
N SER A 205 -7.11 13.50 11.62
CA SER A 205 -7.56 13.04 10.32
C SER A 205 -6.40 12.29 9.65
N ILE A 206 -6.74 11.29 8.87
CA ILE A 206 -5.82 10.46 8.10
C ILE A 206 -6.37 10.39 6.70
N THR A 207 -5.54 10.68 5.73
CA THR A 207 -5.97 10.93 4.38
C THR A 207 -5.74 9.69 3.53
N ALA A 208 -6.29 9.73 2.34
CA ALA A 208 -6.30 8.61 1.42
C ALA A 208 -4.90 8.13 1.08
N ASN A 209 -3.96 9.06 0.98
CA ASN A 209 -2.59 8.73 0.60
C ASN A 209 -1.74 8.31 1.79
N GLY A 210 -2.35 8.16 2.99
CA GLY A 210 -1.67 7.81 4.19
C GLY A 210 -1.00 8.89 5.10
N ALA A 211 -1.18 10.15 4.75
CA ALA A 211 -0.82 11.29 5.60
C ALA A 211 -1.61 11.45 6.87
N VAL A 212 -0.94 11.90 7.92
CA VAL A 212 -1.56 11.99 9.30
C VAL A 212 -1.54 13.44 9.71
N ILE A 213 -2.74 13.96 9.96
CA ILE A 213 -2.96 15.30 10.46
C ILE A 213 -3.25 15.17 11.90
N ASN A 214 -2.33 15.74 12.70
CA ASN A 214 -2.36 15.64 14.13
C ASN A 214 -1.77 16.92 14.71
N LYS A 215 -1.69 17.07 16.04
CA LYS A 215 -1.31 18.30 16.69
C LYS A 215 -0.01 18.88 16.18
N ILE A 216 -0.01 20.20 16.06
CA ILE A 216 1.18 20.96 15.58
C ILE A 216 2.41 20.39 16.31
N GLY A 217 3.42 20.08 15.50
CA GLY A 217 4.66 19.52 16.00
C GLY A 217 4.84 18.05 15.73
N THR A 218 3.73 17.37 15.44
CA THR A 218 3.74 15.93 15.16
C THR A 218 4.75 15.58 14.03
N SER A 219 4.64 16.27 12.91
CA SER A 219 5.48 16.01 11.75
C SER A 219 6.95 16.17 12.06
N LEU A 220 7.29 17.03 13.04
CA LEU A 220 8.70 17.22 13.41
C LEU A 220 9.20 16.06 14.19
N ILE A 221 8.42 15.65 15.17
CA ILE A 221 8.77 14.48 15.94
C ILE A 221 8.93 13.24 15.05
N ALA A 222 8.03 13.08 14.08
CA ALA A 222 8.05 11.91 13.19
C ALA A 222 9.31 11.99 12.32
N LEU A 223 9.62 13.17 11.86
CA LEU A 223 10.78 13.37 10.98
C LEU A 223 12.06 12.88 11.67
N THR A 224 12.26 13.24 12.93
CA THR A 224 13.50 12.98 13.60
C THR A 224 13.50 11.57 14.12
N ALA A 225 12.31 11.01 14.34
CA ALA A 225 12.17 9.60 14.71
C ALA A 225 12.62 8.73 13.54
N LYS A 226 12.17 9.11 12.37
CA LYS A 226 12.64 8.46 11.17
C LYS A 226 14.17 8.61 10.94
N GLU A 227 14.70 9.84 11.10
CA GLU A 227 16.13 10.09 11.08
C GLU A 227 16.90 9.10 11.95
N HIS A 228 16.40 8.83 13.16
CA HIS A 228 17.02 8.01 14.16
C HIS A 228 16.59 6.48 14.19
N ARG A 229 15.78 6.11 13.20
CA ARG A 229 15.18 4.78 13.10
C ARG A 229 14.32 4.34 14.30
N VAL A 230 13.59 5.27 14.87
CA VAL A 230 12.71 5.02 15.97
C VAL A 230 11.32 4.88 15.34
N TRP A 231 10.74 3.73 15.55
CA TRP A 231 9.35 3.38 15.15
C TRP A 231 8.34 4.48 15.43
N VAL A 232 7.64 4.93 14.42
CA VAL A 232 6.54 5.85 14.63
C VAL A 232 5.21 5.13 14.51
N MET A 233 4.45 5.06 15.60
CA MET A 233 3.14 4.43 15.63
C MET A 233 2.04 5.46 15.91
N ILE A 234 1.04 5.46 15.07
CA ILE A 234 -0.10 6.41 15.18
C ILE A 234 -1.31 5.55 15.56
N ALA A 235 -1.73 5.67 16.81
CA ALA A 235 -2.96 5.08 17.31
C ALA A 235 -4.21 5.89 16.90
N ALA A 236 -5.07 5.31 16.09
CA ALA A 236 -6.18 6.00 15.46
C ALA A 236 -7.35 5.07 15.02
N GLU A 237 -8.53 5.45 15.46
CA GLU A 237 -9.76 4.77 15.21
C GLU A 237 -10.12 4.96 13.77
N THR A 238 -10.90 4.03 13.20
CA THR A 238 -11.20 4.12 11.79
C THR A 238 -11.99 5.35 11.46
N TYR A 239 -12.72 5.89 12.42
CA TYR A 239 -13.46 7.14 12.16
C TYR A 239 -12.50 8.41 12.18
N LYS A 240 -11.15 8.22 12.38
CA LYS A 240 -10.19 9.31 12.07
C LYS A 240 -9.82 9.39 10.59
N PHE A 241 -10.28 8.42 9.79
CA PHE A 241 -9.96 8.40 8.41
C PHE A 241 -10.92 9.25 7.61
N HIS A 242 -10.40 9.98 6.62
CA HIS A 242 -11.04 11.12 6.04
C HIS A 242 -11.57 10.81 4.63
N PRO A 243 -12.88 10.55 4.52
CA PRO A 243 -13.49 10.11 3.28
C PRO A 243 -13.26 11.03 2.12
N ALA A 244 -13.37 12.33 2.32
CA ALA A 244 -13.40 13.22 1.18
C ALA A 244 -12.06 13.30 0.48
N THR A 245 -10.97 12.92 1.16
CA THR A 245 -9.63 12.97 0.53
C THR A 245 -9.56 11.93 -0.53
N MET A 246 -10.42 10.90 -0.49
CA MET A 246 -10.50 9.97 -1.62
C MET A 246 -10.76 10.63 -2.94
N LEU A 247 -11.50 11.75 -2.98
CA LEU A 247 -11.80 12.41 -4.26
C LEU A 247 -11.09 13.76 -4.38
N GLY A 248 -9.96 13.93 -3.68
CA GLY A 248 -9.08 15.06 -3.94
C GLY A 248 -9.14 16.14 -2.88
N GLN A 249 -10.02 16.04 -1.92
CA GLN A 249 -10.20 17.21 -1.01
C GLN A 249 -8.97 17.40 -0.14
N LEU A 250 -8.53 18.67 0.06
CA LEU A 250 -7.47 18.96 1.05
C LEU A 250 -8.08 19.14 2.40
N VAL A 251 -7.37 18.77 3.45
CA VAL A 251 -7.88 18.93 4.82
C VAL A 251 -7.55 20.35 5.28
N GLU A 252 -8.54 21.11 5.72
CA GLU A 252 -8.32 22.40 6.25
C GLU A 252 -7.52 22.28 7.53
N ILE A 253 -6.46 23.06 7.64
CA ILE A 253 -5.73 23.16 8.95
C ILE A 253 -6.28 24.27 9.79
N GLU A 254 -6.79 23.97 10.98
CA GLU A 254 -7.42 25.00 11.79
C GLU A 254 -6.37 26.06 12.27
N MET A 255 -6.66 27.35 12.07
CA MET A 255 -5.86 28.48 12.61
C MET A 255 -6.60 29.02 13.85
N ARG A 256 -6.05 28.84 15.05
CA ARG A 256 -6.69 29.30 16.26
C ARG A 256 -6.12 30.68 16.73
N ASP A 257 -6.76 31.22 17.75
CA ASP A 257 -6.56 32.58 18.15
C ASP A 257 -5.10 32.89 18.54
N PRO A 258 -4.54 33.97 18.01
CA PRO A 258 -3.18 34.33 18.50
C PRO A 258 -2.97 34.43 19.98
N THR A 259 -4.02 34.68 20.79
CA THR A 259 -3.86 34.83 22.23
C THR A 259 -3.66 33.54 22.94
N GLU A 260 -3.87 32.42 22.28
CA GLU A 260 -3.40 31.16 22.82
C GLU A 260 -1.88 31.06 22.93
N VAL A 261 -1.19 31.75 22.02
CA VAL A 261 0.31 31.80 22.02
C VAL A 261 0.86 32.89 23.01
N ILE A 262 0.40 34.11 22.76
CA ILE A 262 0.75 35.27 23.51
C ILE A 262 -0.54 35.80 24.16
N PRO A 263 -0.67 35.72 25.51
CA PRO A 263 -1.85 36.24 26.21
C PRO A 263 -2.18 37.69 25.82
N GLU A 264 -3.46 37.94 25.66
CA GLU A 264 -4.03 39.23 25.27
C GLU A 264 -3.35 40.43 25.93
N GLU A 265 -3.06 40.33 27.22
CA GLU A 265 -2.52 41.43 28.03
C GLU A 265 -1.14 41.74 27.52
N GLU A 266 -0.42 40.76 27.03
CA GLU A 266 0.91 40.99 26.47
C GLU A 266 0.79 41.37 24.98
N LEU A 267 -0.04 40.67 24.23
CA LEU A 267 -0.09 40.91 22.80
C LEU A 267 -0.52 42.32 22.39
N ARG A 268 -1.40 42.94 23.16
CA ARG A 268 -1.88 44.29 22.81
C ARG A 268 -0.78 45.33 22.85
N THR A 269 0.25 45.07 23.65
CA THR A 269 1.44 45.91 23.73
C THR A 269 2.51 45.71 22.66
N TRP A 270 2.41 44.67 21.83
CA TRP A 270 3.41 44.34 20.85
C TRP A 270 3.21 45.18 19.58
N PRO A 271 4.25 45.45 18.79
CA PRO A 271 4.16 46.21 17.58
C PRO A 271 3.25 45.58 16.59
N LYS A 272 2.62 46.42 15.82
CA LYS A 272 1.70 46.05 14.79
C LYS A 272 2.37 45.17 13.68
N ASN A 273 3.69 45.30 13.37
CA ASN A 273 4.33 44.51 12.28
CA ASN A 273 4.38 44.53 12.30
C ASN A 273 4.72 43.09 12.77
N ILE A 274 4.37 42.66 13.99
CA ILE A 274 4.46 41.27 14.39
C ILE A 274 3.10 40.59 14.18
N GLU A 275 3.01 39.50 13.41
CA GLU A 275 1.75 38.71 13.37
C GLU A 275 2.06 37.40 14.08
N VAL A 276 1.12 36.90 14.91
CA VAL A 276 1.22 35.61 15.55
C VAL A 276 0.41 34.61 14.71
N TRP A 277 1.05 33.54 14.26
CA TRP A 277 0.40 32.40 13.52
C TRP A 277 0.29 31.20 14.41
N ASN A 278 -0.95 30.68 14.53
CA ASN A 278 -1.24 29.60 15.45
C ASN A 278 -2.00 28.40 14.78
N PRO A 279 -1.31 27.66 13.92
CA PRO A 279 -1.90 26.45 13.33
C PRO A 279 -2.01 25.41 14.42
N ALA A 280 -3.18 24.76 14.51
CA ALA A 280 -3.43 23.78 15.53
C ALA A 280 -2.92 22.38 15.18
N PHE A 281 -2.62 22.16 13.90
CA PHE A 281 -2.21 20.84 13.38
C PHE A 281 -1.11 21.01 12.35
N ASP A 282 -0.31 19.96 12.14
CA ASP A 282 0.43 19.85 10.89
C ASP A 282 0.17 18.47 10.20
N VAL A 283 0.79 18.30 9.04
CA VAL A 283 0.73 17.14 8.18
C VAL A 283 2.04 16.33 8.15
N THR A 284 1.96 15.09 8.62
CA THR A 284 3.04 14.14 8.64
C THR A 284 2.87 13.23 7.45
N PRO A 285 3.81 13.26 6.49
CA PRO A 285 3.71 12.36 5.38
C PRO A 285 3.94 10.88 5.76
N PRO A 286 3.30 9.95 5.01
CA PRO A 286 3.29 8.52 5.31
C PRO A 286 4.69 7.93 5.37
N GLU A 287 5.68 8.53 4.65
CA GLU A 287 7.03 8.03 4.75
C GLU A 287 7.60 8.06 6.13
N TYR A 288 7.07 8.89 7.01
CA TYR A 288 7.56 8.98 8.37
C TYR A 288 6.71 8.25 9.37
N ILE A 289 5.85 7.36 8.89
CA ILE A 289 4.96 6.59 9.78
C ILE A 289 5.21 5.13 9.51
N ASP A 290 5.54 4.39 10.56
CA ASP A 290 5.74 2.94 10.40
C ASP A 290 4.38 2.16 10.32
N VAL A 291 3.51 2.38 11.29
CA VAL A 291 2.19 1.75 11.36
C VAL A 291 1.16 2.72 11.94
N ILE A 292 -0.05 2.43 11.51
CA ILE A 292 -1.30 2.92 12.07
C ILE A 292 -1.99 1.77 12.74
N ILE A 293 -2.29 1.98 14.02
CA ILE A 293 -2.98 1.01 14.86
C ILE A 293 -4.43 1.40 14.93
N THR A 294 -5.29 0.72 14.13
CA THR A 294 -6.74 0.83 14.23
C THR A 294 -7.34 -0.25 15.12
N GLU A 295 -8.63 -0.11 15.47
CA GLU A 295 -9.33 -1.13 16.22
C GLU A 295 -9.48 -2.40 15.34
N ARG A 296 -9.24 -2.31 14.04
CA ARG A 296 -9.18 -3.52 13.16
C ARG A 296 -7.80 -4.12 12.91
N GLY A 297 -6.73 -3.53 13.47
CA GLY A 297 -5.40 -4.00 13.25
C GLY A 297 -4.38 -2.96 12.81
N ILE A 298 -3.16 -3.44 12.74
CA ILE A 298 -1.97 -2.75 12.36
C ILE A 298 -2.05 -2.62 10.86
N ILE A 299 -1.82 -1.42 10.30
CA ILE A 299 -1.73 -1.32 8.87
C ILE A 299 -0.49 -0.45 8.52
N PRO A 300 0.12 -0.67 7.34
CA PRO A 300 1.00 0.41 6.90
C PRO A 300 0.17 1.64 6.58
N PRO A 301 0.79 2.82 6.57
CA PRO A 301 0.02 4.02 6.32
C PRO A 301 -0.61 4.09 4.93
N TYR A 302 -0.02 3.39 3.97
CA TYR A 302 -0.52 3.38 2.61
C TYR A 302 -1.76 2.52 2.47
N ALA A 303 -2.15 1.82 3.52
CA ALA A 303 -3.42 1.09 3.57
C ALA A 303 -4.58 1.96 4.04
N ALA A 304 -4.34 3.26 4.27
CA ALA A 304 -5.39 4.13 4.69
C ALA A 304 -6.52 4.12 3.58
N ILE A 305 -6.13 4.09 2.33
CA ILE A 305 -7.05 4.11 1.23
C ILE A 305 -8.01 2.88 1.32
N ASP A 306 -7.54 1.75 1.84
CA ASP A 306 -8.37 0.55 2.02
C ASP A 306 -9.35 0.68 3.13
N ILE A 307 -8.93 1.28 4.24
CA ILE A 307 -9.90 1.55 5.30
C ILE A 307 -11.03 2.47 4.78
N LEU A 308 -10.66 3.46 3.97
CA LEU A 308 -11.62 4.37 3.43
C LEU A 308 -12.52 3.70 2.39
N LYS A 309 -11.94 2.87 1.53
CA LYS A 309 -12.70 2.20 0.45
C LYS A 309 -13.75 1.30 1.09
N GLU A 310 -13.38 0.51 2.08
CA GLU A 310 -14.26 -0.48 2.63
C GLU A 310 -15.30 0.10 3.59
N GLU A 311 -15.01 1.20 4.29
CA GLU A 311 -15.99 1.73 5.23
C GLU A 311 -16.70 3.03 4.85
N PHE A 312 -16.20 3.81 3.92
CA PHE A 312 -16.72 5.15 3.69
C PHE A 312 -16.98 5.52 2.24
N GLY A 313 -16.42 4.77 1.29
CA GLY A 313 -16.40 5.16 -0.12
C GLY A 313 -17.81 5.33 -0.68
N TRP A 314 -18.72 4.44 -0.26
CA TRP A 314 -20.12 4.34 -0.71
C TRP A 314 -20.93 5.65 -0.50
N ALA A 315 -20.65 6.38 0.60
CA ALA A 315 -21.31 7.69 0.88
C ALA A 315 -20.92 8.86 -0.07
N LEU A 316 -19.77 8.76 -0.77
CA LEU A 316 -19.22 9.88 -1.58
C LEU A 316 -20.05 10.30 -2.79
N LYS A 317 -20.71 9.31 -3.43
CA LYS A 317 -21.86 9.50 -4.36
C LYS A 317 -22.97 10.47 -3.86
N TYR A 318 -23.32 10.42 -2.56
CA TYR A 318 -24.38 11.29 -1.97
C TYR A 318 -23.88 12.63 -1.32
N LYS A 319 -24.84 13.54 -1.16
CA LYS A 319 -24.65 14.74 -0.34
C LYS A 319 -24.55 14.34 1.16
N GLU A 320 -24.08 15.26 2.01
CA GLU A 320 -24.09 15.00 3.43
C GLU A 320 -25.51 14.64 3.89
N PRO A 321 -25.59 13.73 4.87
CA PRO A 321 -26.89 13.34 5.33
C PRO A 321 -27.57 14.41 6.22
N TRP A 322 -27.08 15.66 6.25
CA TRP A 322 -27.79 16.75 6.98
C TRP A 322 -28.13 17.90 6.02
N GLU A 323 -27.85 17.72 4.73
CA GLU A 323 -28.04 18.76 3.69
C GLU A 323 -29.47 18.75 3.07
N ASP A 324 -29.95 19.96 2.72
CA ASP A 324 -31.33 20.17 2.19
C ASP A 324 -31.43 19.68 0.73
N ALA B 3 -0.70 -39.59 25.32
CA ALA B 3 -0.93 -39.64 23.82
C ALA B 3 0.17 -40.42 23.06
N MET B 4 -0.20 -41.40 22.21
CA MET B 4 0.77 -42.31 21.55
C MET B 4 1.40 -41.69 20.28
N ILE B 5 2.42 -40.84 20.48
CA ILE B 5 3.00 -40.06 19.38
C ILE B 5 4.02 -40.91 18.67
N VAL B 6 3.92 -41.02 17.37
CA VAL B 6 4.88 -41.85 16.62
C VAL B 6 6.32 -41.29 16.57
N LYS B 7 7.33 -42.16 16.41
CA LYS B 7 8.71 -41.72 16.44
C LYS B 7 9.00 -40.60 15.36
N GLU B 8 8.40 -40.69 14.18
CA GLU B 8 8.58 -39.70 13.13
C GLU B 8 8.28 -38.22 13.51
N VAL B 9 7.31 -38.03 14.38
CA VAL B 9 6.98 -36.72 14.85
C VAL B 9 8.18 -36.24 15.69
N TYR B 10 8.68 -37.08 16.59
CA TYR B 10 9.78 -36.67 17.45
C TYR B 10 11.04 -36.42 16.67
N GLU B 11 11.28 -37.26 15.65
CA GLU B 11 12.46 -37.20 14.84
C GLU B 11 12.40 -35.97 13.94
N THR B 12 11.22 -35.65 13.40
CA THR B 12 11.06 -34.46 12.58
C THR B 12 11.35 -33.21 13.41
N ALA B 13 10.85 -33.21 14.63
CA ALA B 13 11.03 -32.09 15.50
C ALA B 13 12.52 -31.89 15.87
N GLU B 14 13.20 -32.98 16.27
CA GLU B 14 14.65 -33.00 16.56
C GLU B 14 15.49 -32.39 15.39
N LYS B 15 15.13 -32.77 14.17
CA LYS B 15 15.83 -32.32 12.98
C LYS B 15 15.50 -30.88 12.53
N ILE B 16 14.30 -30.44 12.83
CA ILE B 16 13.99 -29.03 12.69
C ILE B 16 14.86 -28.20 13.63
N LYS B 17 14.87 -28.58 14.92
CA LYS B 17 15.59 -27.91 15.99
C LYS B 17 17.05 -27.88 15.69
N SER B 18 17.62 -28.99 15.24
CA SER B 18 19.05 -29.07 14.95
C SER B 18 19.44 -28.42 13.63
N MET B 19 18.44 -28.05 12.83
CA MET B 19 18.60 -27.58 11.43
C MET B 19 19.17 -28.56 10.43
N GLU B 20 19.08 -29.83 10.79
CA GLU B 20 19.33 -30.87 9.79
C GLU B 20 18.31 -30.75 8.70
N ILE B 21 17.08 -30.39 9.05
CA ILE B 21 16.09 -29.98 8.07
C ILE B 21 15.90 -28.49 8.30
N ARG B 22 15.99 -27.69 7.23
CA ARG B 22 16.04 -26.23 7.34
C ARG B 22 15.52 -25.56 6.08
N GLY B 23 15.34 -24.26 6.13
CA GLY B 23 14.70 -23.54 5.06
C GLY B 23 13.24 -23.40 5.51
N ALA B 24 12.69 -22.20 5.39
CA ALA B 24 11.36 -21.98 5.90
C ALA B 24 10.27 -22.85 5.24
N GLY B 25 10.29 -22.99 3.94
CA GLY B 25 9.27 -23.78 3.26
C GLY B 25 9.40 -25.27 3.54
N ARG B 26 10.65 -25.72 3.60
CA ARG B 26 10.95 -27.10 3.84
C ARG B 26 10.55 -27.57 5.22
N ILE B 27 10.77 -26.78 6.27
CA ILE B 27 10.36 -27.17 7.61
C ILE B 27 8.79 -27.20 7.72
N ALA B 28 8.11 -26.38 6.91
CA ALA B 28 6.66 -26.35 6.95
C ALA B 28 6.14 -27.66 6.28
N ARG B 29 6.76 -28.06 5.15
CA ARG B 29 6.43 -29.31 4.52
C ARG B 29 6.72 -30.47 5.44
N ALA B 30 7.89 -30.47 6.11
CA ALA B 30 8.21 -31.52 7.00
C ALA B 30 7.20 -31.62 8.17
N ALA B 31 6.67 -30.50 8.60
CA ALA B 31 5.71 -30.56 9.73
C ALA B 31 4.33 -31.15 9.29
N ALA B 32 3.85 -30.71 8.12
CA ALA B 32 2.67 -31.33 7.50
C ALA B 32 2.82 -32.90 7.31
N GLN B 33 3.98 -33.31 6.80
CA GLN B 33 4.41 -34.69 6.67
C GLN B 33 4.36 -35.43 7.99
N ALA B 34 4.86 -34.80 9.04
CA ALA B 34 4.88 -35.43 10.34
C ALA B 34 3.43 -35.65 10.82
N LEU B 35 2.54 -34.68 10.68
CA LEU B 35 1.11 -34.90 10.99
C LEU B 35 0.53 -36.00 10.11
N MET B 36 0.84 -35.99 8.83
CA MET B 36 0.37 -37.03 7.92
C MET B 36 0.70 -38.39 8.47
N ILE B 37 1.95 -38.59 8.87
CA ILE B 37 2.45 -39.85 9.35
C ILE B 37 1.84 -40.28 10.71
N GLN B 38 1.68 -39.35 11.64
CA GLN B 38 0.94 -39.59 12.86
C GLN B 38 -0.51 -40.14 12.56
N ALA B 39 -1.17 -39.52 11.64
CA ALA B 39 -2.51 -39.90 11.30
C ALA B 39 -2.54 -41.29 10.61
N GLU B 40 -1.62 -41.57 9.69
CA GLU B 40 -1.53 -42.85 8.98
C GLU B 40 -1.27 -44.00 9.93
N LYS B 41 -0.30 -43.83 10.84
CA LYS B 41 0.14 -44.90 11.73
C LYS B 41 -0.61 -44.98 13.07
N SER B 42 -1.51 -44.03 13.33
CA SER B 42 -2.18 -43.99 14.59
C SER B 42 -2.92 -45.29 14.83
N LYS B 43 -2.91 -45.71 16.10
CA LYS B 43 -3.67 -46.87 16.58
C LYS B 43 -4.91 -46.42 17.32
N ALA B 44 -5.21 -45.13 17.28
CA ALA B 44 -6.44 -44.61 17.86
C ALA B 44 -7.66 -45.41 17.43
N LYS B 45 -8.60 -45.62 18.36
CA LYS B 45 -9.85 -46.36 18.05
C LYS B 45 -11.06 -45.46 18.01
N GLU B 46 -11.00 -44.38 18.78
CA GLU B 46 -12.00 -43.31 18.75
C GLU B 46 -11.40 -42.03 18.08
N PRO B 47 -12.25 -41.22 17.43
CA PRO B 47 -11.82 -39.94 16.87
C PRO B 47 -11.21 -38.98 17.90
N GLU B 48 -11.77 -38.95 19.12
CA GLU B 48 -11.22 -38.13 20.21
C GLU B 48 -9.72 -38.40 20.56
N GLU B 49 -9.35 -39.65 20.43
CA GLU B 49 -8.07 -40.11 20.75
C GLU B 49 -7.06 -39.67 19.66
N LEU B 50 -7.45 -39.82 18.38
CA LEU B 50 -6.67 -39.38 17.22
C LEU B 50 -6.52 -37.84 17.26
N TRP B 51 -7.61 -37.16 17.56
CA TRP B 51 -7.65 -35.73 17.67
C TRP B 51 -6.62 -35.28 18.73
N ASN B 52 -6.62 -35.93 19.87
CA ASN B 52 -5.68 -35.65 20.92
C ASN B 52 -4.20 -35.89 20.50
N GLU B 53 -3.95 -36.94 19.71
CA GLU B 53 -2.62 -37.20 19.18
C GLU B 53 -2.10 -36.12 18.21
N LEU B 54 -3.02 -35.65 17.36
CA LEU B 54 -2.72 -34.65 16.39
C LEU B 54 -2.52 -33.28 17.06
N LYS B 55 -3.24 -33.00 18.12
CA LYS B 55 -3.02 -31.77 18.90
C LYS B 55 -1.61 -31.78 19.56
N VAL B 56 -1.25 -32.93 20.12
CA VAL B 56 0.00 -33.09 20.83
C VAL B 56 1.14 -33.06 19.83
N ALA B 57 1.00 -33.73 18.71
CA ALA B 57 2.01 -33.69 17.70
C ALA B 57 2.19 -32.27 17.16
N SER B 58 1.08 -31.60 16.90
CA SER B 58 1.10 -30.25 16.46
C SER B 58 1.92 -29.39 17.46
N LYS B 59 1.77 -29.59 18.76
CA LYS B 59 2.44 -28.77 19.73
C LYS B 59 3.91 -29.09 19.76
N ILE B 60 4.27 -30.35 19.70
CA ILE B 60 5.66 -30.71 19.61
C ILE B 60 6.35 -30.04 18.38
N LEU B 61 5.68 -30.04 17.25
CA LEU B 61 6.25 -29.50 16.04
C LEU B 61 6.31 -27.94 16.09
N TYR B 62 5.30 -27.32 16.67
CA TYR B 62 5.28 -25.88 16.86
C TYR B 62 6.45 -25.37 17.72
N ASN B 63 6.80 -26.11 18.77
CA ASN B 63 7.87 -25.77 19.72
C ASN B 63 9.29 -26.11 19.25
N THR B 64 9.56 -26.09 17.96
CA THR B 64 10.86 -26.45 17.45
C THR B 64 11.58 -25.10 17.24
N ARG B 65 11.14 -24.32 16.25
CA ARG B 65 11.80 -23.06 15.87
C ARG B 65 10.74 -21.97 15.68
N PRO B 66 10.97 -20.80 16.32
CA PRO B 66 9.87 -19.85 16.45
C PRO B 66 9.68 -18.92 15.28
N THR B 67 10.72 -18.60 14.55
CA THR B 67 10.65 -17.36 13.77
C THR B 67 9.94 -17.48 12.44
N ALA B 68 10.10 -18.63 11.81
CA ALA B 68 9.48 -18.83 10.54
C ALA B 68 8.00 -19.28 10.72
N VAL B 69 7.11 -18.40 10.33
CA VAL B 69 5.68 -18.57 10.43
C VAL B 69 5.16 -19.65 9.47
N SER B 70 5.91 -19.98 8.40
CA SER B 70 5.55 -21.07 7.47
C SER B 70 5.18 -22.33 8.30
N LEU B 71 5.96 -22.64 9.33
CA LEU B 71 5.71 -23.82 10.17
C LEU B 71 4.29 -23.85 10.85
N PRO B 72 3.99 -22.91 11.78
CA PRO B 72 2.61 -22.75 12.28
C PRO B 72 1.55 -22.62 11.17
N ASN B 73 1.87 -21.94 10.08
CA ASN B 73 0.86 -21.90 8.98
C ASN B 73 0.56 -23.28 8.34
N ALA B 74 1.57 -24.14 8.24
CA ALA B 74 1.36 -25.52 7.82
C ALA B 74 0.51 -26.30 8.85
N LEU B 75 0.90 -26.22 10.10
CA LEU B 75 0.17 -26.83 11.15
C LEU B 75 -1.28 -26.37 11.14
N ARG B 76 -1.52 -25.07 10.93
CA ARG B 76 -2.86 -24.59 10.93
C ARG B 76 -3.64 -25.08 9.70
N TYR B 77 -3.00 -25.14 8.54
CA TYR B 77 -3.70 -25.55 7.35
C TYR B 77 -4.33 -26.96 7.63
N VAL B 78 -3.53 -27.86 8.13
CA VAL B 78 -3.99 -29.20 8.46
C VAL B 78 -5.01 -29.17 9.60
N MET B 79 -4.67 -28.46 10.68
CA MET B 79 -5.41 -28.56 11.90
C MET B 79 -6.71 -27.79 11.95
N HIS B 80 -6.83 -26.66 11.28
CA HIS B 80 -8.14 -26.04 11.07
C HIS B 80 -9.13 -27.06 10.43
N ARG B 81 -8.69 -27.79 9.41
CA ARG B 81 -9.51 -28.75 8.69
C ARG B 81 -9.81 -29.99 9.57
N VAL B 82 -8.82 -30.46 10.31
CA VAL B 82 -9.00 -31.55 11.25
C VAL B 82 -9.99 -31.17 12.37
N LYS B 83 -9.86 -29.97 12.89
CA LYS B 83 -10.69 -29.53 13.94
C LYS B 83 -12.12 -29.34 13.48
N ALA B 84 -12.37 -28.73 12.30
CA ALA B 84 -13.71 -28.63 11.79
C ALA B 84 -14.35 -30.01 11.56
N ALA B 85 -13.58 -31.02 11.15
CA ALA B 85 -14.13 -32.36 10.98
C ALA B 85 -14.43 -33.05 12.33
N TYR B 86 -13.47 -33.08 13.26
CA TYR B 86 -13.70 -33.65 14.57
C TYR B 86 -15.00 -33.03 15.17
N LEU B 87 -15.09 -31.72 15.15
CA LEU B 87 -16.21 -31.01 15.77
C LEU B 87 -17.53 -31.20 15.02
N GLY B 88 -17.47 -31.43 13.72
CA GLY B 88 -18.65 -31.70 12.93
C GLY B 88 -19.09 -33.17 12.94
N GLY B 89 -18.51 -33.97 13.84
CA GLY B 89 -18.89 -35.36 14.05
C GLY B 89 -18.18 -36.48 13.31
N ALA B 90 -17.16 -36.18 12.54
CA ALA B 90 -16.51 -37.20 11.74
C ALA B 90 -16.12 -38.37 12.60
N ASP B 91 -16.24 -39.53 11.98
CA ASP B 91 -15.88 -40.78 12.62
C ASP B 91 -14.36 -40.90 12.46
N LEU B 92 -13.81 -42.00 12.98
CA LEU B 92 -12.40 -42.18 13.06
C LEU B 92 -11.79 -41.99 11.71
N GLU B 93 -12.25 -42.80 10.75
CA GLU B 93 -11.59 -42.84 9.43
C GLU B 93 -11.73 -41.56 8.61
N THR B 94 -12.81 -40.82 8.81
CA THR B 94 -12.97 -39.55 8.13
C THR B 94 -11.96 -38.50 8.67
N LEU B 95 -11.77 -38.53 9.99
CA LEU B 95 -10.85 -37.66 10.69
C LEU B 95 -9.45 -37.98 10.24
N ARG B 96 -9.10 -39.26 10.22
CA ARG B 96 -7.82 -39.67 9.69
C ARG B 96 -7.56 -39.16 8.28
N PHE B 97 -8.47 -39.43 7.36
CA PHE B 97 -8.32 -38.99 6.00
C PHE B 97 -8.22 -37.47 5.93
N THR B 98 -8.94 -36.75 6.75
CA THR B 98 -8.92 -35.31 6.69
C THR B 98 -7.49 -34.76 6.98
N ALA B 99 -6.81 -35.35 7.97
CA ALA B 99 -5.44 -35.01 8.37
C ALA B 99 -4.49 -35.35 7.23
N ILE B 100 -4.61 -36.57 6.70
CA ILE B 100 -3.70 -37.04 5.67
C ILE B 100 -3.78 -36.17 4.44
N ASN B 101 -5.00 -35.90 4.03
CA ASN B 101 -5.26 -35.27 2.79
C ASN B 101 -4.96 -33.77 2.89
N SER B 102 -5.18 -33.20 4.05
CA SER B 102 -4.92 -31.80 4.27
C SER B 102 -3.40 -31.61 4.25
N ALA B 103 -2.69 -32.47 4.95
CA ALA B 103 -1.25 -32.52 4.90
C ALA B 103 -0.73 -32.58 3.48
N LYS B 104 -1.32 -33.44 2.65
CA LYS B 104 -0.87 -33.59 1.28
C LYS B 104 -1.12 -32.39 0.44
N GLU B 105 -2.28 -31.78 0.64
CA GLU B 105 -2.60 -30.56 -0.10
C GLU B 105 -1.59 -29.41 0.26
N PHE B 106 -1.23 -29.29 1.54
CA PHE B 106 -0.25 -28.28 1.94
C PHE B 106 1.07 -28.51 1.18
N ILE B 107 1.55 -29.76 1.22
CA ILE B 107 2.83 -30.14 0.63
C ILE B 107 2.80 -29.85 -0.88
N TYR B 108 1.71 -30.26 -1.54
CA TYR B 108 1.60 -30.08 -2.99
C TYR B 108 1.48 -28.56 -3.30
N ASN B 109 0.65 -27.83 -2.56
CA ASN B 109 0.54 -26.41 -2.76
C ASN B 109 1.90 -25.68 -2.57
N SER B 110 2.68 -26.10 -1.56
CA SER B 110 4.03 -25.56 -1.35
C SER B 110 4.91 -25.76 -2.56
N GLU B 111 4.91 -26.95 -3.13
CA GLU B 111 5.73 -27.24 -4.31
C GLU B 111 5.33 -26.43 -5.52
N LYS B 112 4.03 -26.31 -5.75
CA LYS B 112 3.56 -25.54 -6.88
C LYS B 112 3.84 -23.99 -6.72
N ALA B 113 3.72 -23.55 -5.49
CA ALA B 113 3.88 -22.14 -5.19
C ALA B 113 5.36 -21.69 -5.49
N ILE B 114 6.31 -22.53 -5.08
CA ILE B 114 7.72 -22.32 -5.33
C ILE B 114 8.02 -22.32 -6.81
N GLU B 115 7.42 -23.22 -7.56
CA GLU B 115 7.57 -23.20 -8.99
C GLU B 115 7.01 -21.93 -9.62
N ARG B 116 5.88 -21.50 -9.18
CA ARG B 116 5.21 -20.41 -9.85
C ARG B 116 5.97 -19.05 -9.54
N ILE B 117 6.49 -18.97 -8.31
CA ILE B 117 7.35 -17.85 -7.85
C ILE B 117 8.57 -17.77 -8.73
N GLY B 118 9.12 -18.93 -9.09
CA GLY B 118 10.14 -19.00 -10.12
C GLY B 118 9.76 -18.39 -11.43
N GLU B 119 8.61 -18.82 -11.93
CA GLU B 119 8.18 -18.37 -13.27
C GLU B 119 7.92 -16.86 -13.29
N ILE B 120 7.26 -16.40 -12.25
CA ILE B 120 6.91 -14.98 -12.16
C ILE B 120 8.18 -14.15 -11.96
N GLY B 121 9.02 -14.57 -11.01
CA GLY B 121 10.25 -13.79 -10.70
C GLY B 121 11.25 -13.73 -11.84
N ALA B 122 11.36 -14.84 -12.55
CA ALA B 122 12.24 -14.94 -13.71
C ALA B 122 12.00 -13.93 -14.76
N LYS B 123 10.75 -13.51 -14.93
CA LYS B 123 10.45 -12.47 -15.88
C LYS B 123 11.05 -11.10 -15.53
N ARG B 124 11.37 -10.90 -14.27
CA ARG B 124 12.03 -9.72 -13.84
C ARG B 124 13.55 -9.76 -13.98
N ILE B 125 14.13 -10.90 -14.35
CA ILE B 125 15.55 -11.05 -14.50
C ILE B 125 15.83 -10.84 -15.97
N GLU B 126 16.84 -10.04 -16.30
CA GLU B 126 17.17 -9.80 -17.72
C GLU B 126 18.51 -10.38 -18.07
N ASP B 127 18.68 -10.62 -19.36
CA ASP B 127 19.91 -11.19 -19.88
C ASP B 127 21.10 -10.36 -19.41
N GLY B 128 22.16 -11.01 -18.95
CA GLY B 128 23.37 -10.28 -18.45
C GLY B 128 23.36 -9.84 -16.98
N ASP B 129 22.30 -10.14 -16.25
CA ASP B 129 22.14 -9.64 -14.90
C ASP B 129 23.13 -10.30 -13.97
N ILE B 130 23.72 -9.50 -13.10
CA ILE B 130 24.42 -10.00 -11.95
C ILE B 130 23.44 -9.90 -10.82
N ILE B 131 23.19 -11.02 -10.12
CA ILE B 131 22.22 -11.09 -9.07
C ILE B 131 22.91 -11.39 -7.79
N MET B 132 22.66 -10.65 -6.71
CA MET B 132 23.21 -11.10 -5.41
C MET B 132 22.12 -11.73 -4.60
N THR B 133 22.48 -12.78 -3.83
CA THR B 133 21.54 -13.48 -2.98
C THR B 133 22.13 -13.67 -1.60
N HIS B 134 21.40 -14.28 -0.67
CA HIS B 134 21.90 -14.42 0.69
C HIS B 134 21.28 -15.69 1.25
N CYS B 135 22.00 -16.37 2.12
CA CYS B 135 21.58 -17.69 2.62
C CYS B 135 21.24 -18.68 1.50
N HIS B 136 20.34 -19.62 1.82
CA HIS B 136 19.92 -20.64 0.83
C HIS B 136 18.38 -20.70 0.92
N SER B 137 17.73 -20.09 -0.08
CA SER B 137 16.31 -19.98 -0.15
C SER B 137 15.88 -20.64 -1.45
N LYS B 138 15.03 -21.65 -1.30
CA LYS B 138 14.55 -22.39 -2.48
C LYS B 138 13.67 -21.49 -3.27
N ALA B 139 12.93 -20.58 -2.64
CA ALA B 139 12.15 -19.66 -3.44
C ALA B 139 13.01 -18.77 -4.29
N ALA B 140 14.07 -18.19 -3.70
CA ALA B 140 14.96 -17.32 -4.49
C ALA B 140 15.66 -18.11 -5.57
N ILE B 141 16.08 -19.33 -5.23
CA ILE B 141 16.74 -20.20 -6.22
C ILE B 141 15.85 -20.56 -7.40
N SER B 142 14.56 -20.72 -7.14
CA SER B 142 13.63 -21.09 -8.21
C SER B 142 13.62 -19.97 -9.25
N VAL B 143 13.75 -18.75 -8.76
CA VAL B 143 13.76 -17.59 -9.63
C VAL B 143 14.99 -17.62 -10.54
N MET B 144 16.17 -17.78 -9.95
CA MET B 144 17.44 -17.82 -10.69
C MET B 144 17.54 -18.98 -11.68
N LYS B 145 17.18 -20.13 -11.18
CA LYS B 145 17.13 -21.35 -11.99
C LYS B 145 16.24 -21.17 -13.23
N LYS B 146 15.03 -20.62 -13.06
CA LYS B 146 14.18 -20.42 -14.21
C LYS B 146 14.72 -19.39 -15.20
N ALA B 147 15.28 -18.29 -14.70
CA ALA B 147 15.86 -17.28 -15.63
C ALA B 147 16.94 -17.88 -16.45
N PHE B 148 17.80 -18.66 -15.84
CA PHE B 148 18.83 -19.34 -16.60
C PHE B 148 18.27 -20.34 -17.63
N GLU B 149 17.20 -21.08 -17.28
CA GLU B 149 16.52 -22.02 -18.21
C GLU B 149 15.92 -21.34 -19.37
N GLN B 150 15.42 -20.12 -19.16
CA GLN B 150 14.96 -19.25 -20.23
C GLN B 150 16.10 -18.75 -21.14
N GLY B 151 17.37 -19.04 -20.83
CA GLY B 151 18.49 -18.61 -21.71
C GLY B 151 19.09 -17.25 -21.39
N LYS B 152 18.64 -16.65 -20.32
CA LYS B 152 19.32 -15.46 -19.79
C LYS B 152 20.69 -15.86 -19.20
N ASN B 153 21.73 -15.15 -19.57
CA ASN B 153 23.05 -15.42 -19.04
C ASN B 153 23.25 -14.60 -17.81
N ILE B 154 23.08 -15.23 -16.66
CA ILE B 154 23.16 -14.56 -15.40
C ILE B 154 24.36 -15.01 -14.68
N LYS B 155 24.73 -14.26 -13.66
CA LYS B 155 25.75 -14.69 -12.76
C LYS B 155 25.29 -14.28 -11.38
N VAL B 156 25.57 -15.12 -10.39
CA VAL B 156 25.09 -14.92 -9.08
C VAL B 156 26.20 -14.78 -8.06
N ILE B 157 26.10 -13.70 -7.29
CA ILE B 157 26.95 -13.46 -6.19
C ILE B 157 26.31 -14.04 -4.99
N VAL B 158 27.01 -14.98 -4.40
CA VAL B 158 26.52 -15.69 -3.28
C VAL B 158 27.32 -15.32 -2.08
N THR B 159 26.64 -14.91 -1.03
CA THR B 159 27.29 -14.57 0.21
C THR B 159 27.31 -15.81 1.06
N GLU B 160 28.42 -16.01 1.79
CA GLU B 160 28.65 -17.21 2.51
C GLU B 160 27.64 -17.53 3.61
N THR B 161 27.11 -16.46 4.21
CA THR B 161 26.06 -16.54 5.22
C THR B 161 26.46 -17.27 6.53
N ARG B 162 27.30 -16.61 7.31
CA ARG B 162 27.68 -17.03 8.66
C ARG B 162 26.45 -16.96 9.54
N PRO B 163 26.41 -17.77 10.58
CA PRO B 163 27.48 -18.68 10.99
C PRO B 163 27.39 -20.14 10.43
N LYS B 164 26.24 -20.50 9.81
CA LYS B 164 25.91 -21.87 9.44
C LYS B 164 26.36 -22.15 8.01
N TRP B 165 26.87 -21.15 7.30
CA TRP B 165 27.45 -21.32 6.00
C TRP B 165 26.45 -21.80 4.92
N GLN B 166 25.21 -21.36 4.97
CA GLN B 166 24.20 -21.81 4.00
C GLN B 166 24.59 -21.40 2.62
N GLY B 167 25.39 -20.34 2.49
CA GLY B 167 25.87 -19.93 1.17
C GLY B 167 26.67 -20.99 0.41
N LYS B 168 27.33 -21.87 1.10
CA LYS B 168 27.98 -23.01 0.45
C LYS B 168 26.96 -23.90 -0.28
N ILE B 169 25.79 -24.03 0.29
CA ILE B 169 24.69 -24.86 -0.29
C ILE B 169 24.26 -24.18 -1.58
N THR B 170 24.05 -22.85 -1.49
CA THR B 170 23.56 -22.11 -2.61
C THR B 170 24.57 -22.12 -3.74
N ALA B 171 25.82 -21.90 -3.42
CA ALA B 171 26.83 -21.82 -4.46
C ALA B 171 26.86 -23.12 -5.30
N LYS B 172 27.00 -24.23 -4.60
CA LYS B 172 27.09 -25.58 -5.21
C LYS B 172 25.81 -25.90 -6.00
N GLU B 173 24.66 -25.52 -5.42
CA GLU B 173 23.37 -25.77 -6.10
C GLU B 173 23.28 -24.98 -7.42
N LEU B 174 23.61 -23.68 -7.36
CA LEU B 174 23.44 -22.88 -8.52
C LEU B 174 24.45 -23.35 -9.53
N ALA B 175 25.66 -23.64 -9.10
CA ALA B 175 26.71 -24.14 -10.07
C ALA B 175 26.29 -25.46 -10.77
N SER B 176 25.65 -26.37 -10.02
CA SER B 176 25.16 -27.66 -10.57
C SER B 176 24.11 -27.44 -11.64
N TYR B 177 23.42 -26.29 -11.67
CA TYR B 177 22.49 -26.02 -12.76
C TYR B 177 23.17 -25.41 -13.93
N GLY B 178 24.46 -25.09 -13.85
CA GLY B 178 25.11 -24.35 -14.95
C GLY B 178 25.29 -22.86 -14.72
N ILE B 179 24.92 -22.33 -13.55
CA ILE B 179 24.97 -20.91 -13.33
C ILE B 179 26.29 -20.54 -12.76
N PRO B 180 27.00 -19.59 -13.36
CA PRO B 180 28.22 -19.19 -12.67
C PRO B 180 27.95 -18.39 -11.36
N VAL B 181 28.87 -18.57 -10.42
CA VAL B 181 28.75 -18.04 -9.11
C VAL B 181 30.03 -17.29 -8.75
N ILE B 182 29.87 -16.14 -8.08
CA ILE B 182 30.92 -15.45 -7.39
C ILE B 182 30.61 -15.55 -5.91
N TYR B 183 31.53 -16.12 -5.17
CA TYR B 183 31.34 -16.39 -3.77
C TYR B 183 32.15 -15.40 -2.96
N ILE B 184 31.49 -14.76 -1.99
CA ILE B 184 32.10 -13.72 -1.11
C ILE B 184 31.70 -13.89 0.34
N VAL B 185 32.48 -13.26 1.21
CA VAL B 185 32.07 -13.16 2.60
C VAL B 185 30.97 -12.12 2.74
N ASP B 186 30.13 -12.22 3.80
CA ASP B 186 28.98 -11.30 4.00
C ASP B 186 29.44 -9.79 4.02
N SER B 187 30.61 -9.55 4.68
CA SER B 187 31.21 -8.21 4.72
C SER B 187 31.45 -7.55 3.40
N ALA B 188 31.49 -8.32 2.30
CA ALA B 188 31.83 -7.74 1.03
C ALA B 188 30.65 -7.33 0.16
N ALA B 189 29.45 -7.45 0.74
CA ALA B 189 28.23 -7.17 0.00
C ALA B 189 28.15 -5.71 -0.46
N ARG B 190 28.54 -4.74 0.36
CA ARG B 190 28.56 -3.35 -0.15
C ARG B 190 29.59 -3.19 -1.24
N HIS B 191 30.83 -3.65 -0.99
CA HIS B 191 31.92 -3.58 -2.00
C HIS B 191 31.43 -4.07 -3.40
N TYR B 192 30.62 -5.14 -3.43
CA TYR B 192 30.20 -5.65 -4.72
C TYR B 192 28.84 -5.19 -5.16
N MET B 193 28.25 -4.24 -4.45
CA MET B 193 26.85 -3.85 -4.79
C MET B 193 26.84 -3.00 -6.04
N LYS B 194 27.89 -2.20 -6.28
CA LYS B 194 28.08 -1.46 -7.59
C LYS B 194 27.92 -2.35 -8.85
N MET B 195 28.39 -3.59 -8.83
CA MET B 195 28.38 -4.39 -10.04
C MET B 195 27.08 -5.19 -10.08
N THR B 196 26.29 -5.19 -9.01
CA THR B 196 25.03 -5.99 -8.95
C THR B 196 23.84 -5.33 -9.64
N ASP B 197 23.02 -6.11 -10.36
CA ASP B 197 21.82 -5.59 -10.98
C ASP B 197 20.60 -5.78 -10.17
N LYS B 198 20.56 -6.87 -9.41
CA LYS B 198 19.38 -7.27 -8.67
C LYS B 198 19.82 -8.04 -7.45
N VAL B 199 19.02 -7.90 -6.39
CA VAL B 199 19.08 -8.65 -5.19
C VAL B 199 17.79 -9.48 -5.08
N VAL B 200 17.99 -10.79 -4.87
CA VAL B 200 16.90 -11.79 -4.79
C VAL B 200 17.17 -12.66 -3.60
N MET B 201 16.34 -12.51 -2.60
CA MET B 201 16.45 -13.23 -1.33
C MET B 201 15.10 -13.81 -0.94
N GLY B 202 15.11 -14.68 0.07
CA GLY B 202 13.83 -15.23 0.54
C GLY B 202 13.32 -14.60 1.85
N ALA B 203 12.44 -15.33 2.54
CA ALA B 203 11.83 -14.90 3.81
C ALA B 203 11.40 -16.01 4.70
N ASN B 204 11.52 -15.80 6.02
CA ASN B 204 10.97 -16.65 7.02
C ASN B 204 9.54 -16.25 7.43
N SER B 205 9.34 -14.94 7.66
CA SER B 205 8.07 -14.30 8.06
C SER B 205 8.01 -12.89 7.47
N ILE B 206 6.86 -12.55 6.96
CA ILE B 206 6.56 -11.23 6.45
C ILE B 206 5.38 -10.66 7.27
N THR B 207 5.55 -9.44 7.81
CA THR B 207 4.64 -8.87 8.75
C THR B 207 3.64 -8.04 8.04
N ALA B 208 2.63 -7.67 8.80
CA ALA B 208 1.51 -6.86 8.31
C ALA B 208 1.90 -5.51 7.73
N ASN B 209 2.92 -4.89 8.31
CA ASN B 209 3.40 -3.64 7.73
C ASN B 209 4.40 -3.76 6.55
N GLY B 210 4.69 -4.96 6.10
CA GLY B 210 5.59 -5.13 4.96
C GLY B 210 7.07 -5.49 5.27
N ALA B 211 7.44 -5.51 6.52
CA ALA B 211 8.75 -5.93 6.99
C ALA B 211 9.02 -7.46 6.70
N VAL B 212 10.25 -7.78 6.36
CA VAL B 212 10.66 -9.15 6.00
C VAL B 212 11.68 -9.56 7.02
N ILE B 213 11.40 -10.67 7.67
CA ILE B 213 12.31 -11.35 8.58
C ILE B 213 12.92 -12.55 7.90
N ASN B 214 14.25 -12.53 7.83
CA ASN B 214 15.03 -13.41 6.97
C ASN B 214 16.40 -13.61 7.58
N LYS B 215 17.17 -14.55 7.06
CA LYS B 215 18.47 -14.82 7.61
C LYS B 215 19.28 -13.57 8.00
N ILE B 216 19.88 -13.64 9.17
CA ILE B 216 20.77 -12.63 9.71
C ILE B 216 21.66 -12.11 8.60
N GLY B 217 21.64 -10.80 8.45
CA GLY B 217 22.43 -10.05 7.45
C GLY B 217 21.62 -9.58 6.27
N THR B 218 20.40 -10.12 6.10
CA THR B 218 19.54 -9.71 5.01
C THR B 218 19.29 -8.22 4.94
N SER B 219 19.07 -7.64 6.11
CA SER B 219 18.73 -6.21 6.25
C SER B 219 19.86 -5.34 5.83
N LEU B 220 21.09 -5.78 6.06
CA LEU B 220 22.28 -5.09 5.58
C LEU B 220 22.42 -5.08 4.08
N ILE B 221 22.18 -6.23 3.46
CA ILE B 221 22.26 -6.32 2.02
C ILE B 221 21.18 -5.44 1.43
N ALA B 222 19.97 -5.48 2.01
CA ALA B 222 18.88 -4.63 1.49
C ALA B 222 19.19 -3.13 1.61
N LEU B 223 19.72 -2.76 2.76
CA LEU B 223 20.13 -1.37 3.03
C LEU B 223 21.09 -0.89 1.96
N THR B 224 22.19 -1.62 1.71
CA THR B 224 23.12 -1.08 0.72
C THR B 224 22.64 -1.20 -0.71
N ALA B 225 21.79 -2.18 -0.98
CA ALA B 225 21.11 -2.24 -2.28
C ALA B 225 20.28 -1.00 -2.48
N LYS B 226 19.49 -0.63 -1.48
CA LYS B 226 18.69 0.65 -1.65
C LYS B 226 19.62 1.85 -1.88
N GLU B 227 20.68 1.93 -1.09
CA GLU B 227 21.73 2.96 -1.20
C GLU B 227 22.18 3.07 -2.67
N HIS B 228 22.34 1.90 -3.29
CA HIS B 228 22.82 1.79 -4.68
C HIS B 228 21.80 1.76 -5.80
N ARG B 229 20.52 1.96 -5.49
CA ARG B 229 19.45 1.77 -6.49
C ARG B 229 19.42 0.42 -7.19
N VAL B 230 19.80 -0.61 -6.46
CA VAL B 230 19.63 -1.98 -6.91
C VAL B 230 18.30 -2.58 -6.36
N TRP B 231 17.47 -3.00 -7.27
CA TRP B 231 16.23 -3.73 -6.96
C TRP B 231 16.43 -4.82 -5.90
N VAL B 232 15.66 -4.72 -4.81
CA VAL B 232 15.54 -5.79 -3.83
C VAL B 232 14.21 -6.53 -4.04
N MET B 233 14.32 -7.80 -4.42
CA MET B 233 13.17 -8.71 -4.62
C MET B 233 13.18 -9.78 -3.61
N ILE B 234 12.05 -9.95 -2.92
CA ILE B 234 11.94 -11.02 -1.95
C ILE B 234 10.99 -12.11 -2.52
N ALA B 235 11.51 -13.35 -2.68
CA ALA B 235 10.73 -14.51 -3.19
C ALA B 235 10.12 -15.25 -2.02
N ALA B 236 8.78 -15.29 -1.96
CA ALA B 236 8.13 -15.75 -0.76
C ALA B 236 6.69 -16.21 -0.97
N GLU B 237 6.42 -17.41 -0.50
CA GLU B 237 5.09 -18.01 -0.59
C GLU B 237 4.14 -17.30 0.30
N THR B 238 2.87 -17.32 -0.04
CA THR B 238 1.81 -16.77 0.85
C THR B 238 1.89 -17.25 2.32
N TYR B 239 2.32 -18.49 2.53
CA TYR B 239 2.38 -19.03 3.87
C TYR B 239 3.61 -18.48 4.65
N LYS B 240 4.42 -17.66 3.99
CA LYS B 240 5.44 -16.86 4.71
C LYS B 240 4.87 -15.61 5.43
N PHE B 241 3.63 -15.27 5.17
CA PHE B 241 3.02 -14.11 5.75
C PHE B 241 2.46 -14.39 7.16
N HIS B 242 2.65 -13.45 8.06
CA HIS B 242 2.49 -13.69 9.48
C HIS B 242 1.17 -13.09 10.02
N PRO B 243 0.14 -13.96 10.22
CA PRO B 243 -1.19 -13.42 10.61
C PRO B 243 -1.18 -12.68 11.94
N ALA B 244 -0.49 -13.21 12.98
CA ALA B 244 -0.61 -12.63 14.28
C ALA B 244 -0.13 -11.17 14.30
N THR B 245 0.73 -10.79 13.36
CA THR B 245 1.24 -9.38 13.30
C THR B 245 0.15 -8.41 12.92
N MET B 246 -0.93 -8.89 12.32
CA MET B 246 -2.08 -8.02 12.02
C MET B 246 -2.69 -7.42 13.28
N LEU B 247 -2.57 -8.11 14.40
CA LEU B 247 -3.08 -7.66 15.67
C LEU B 247 -1.99 -7.28 16.61
N GLY B 248 -0.81 -6.88 16.06
CA GLY B 248 0.20 -6.26 16.90
C GLY B 248 1.33 -7.11 17.41
N GLN B 249 1.21 -8.42 17.19
CA GLN B 249 2.21 -9.37 17.63
C GLN B 249 3.57 -9.03 17.00
N LEU B 250 4.60 -9.06 17.84
CA LEU B 250 6.02 -9.01 17.40
C LEU B 250 6.52 -10.40 17.13
N VAL B 251 7.28 -10.53 16.07
CA VAL B 251 7.87 -11.80 15.72
C VAL B 251 9.14 -12.05 16.57
N GLU B 252 9.18 -13.19 17.25
CA GLU B 252 10.35 -13.59 18.00
C GLU B 252 11.56 -13.90 17.07
N ILE B 253 12.73 -13.33 17.38
CA ILE B 253 13.95 -13.63 16.70
C ILE B 253 14.70 -14.72 17.45
N GLU B 254 14.86 -15.84 16.76
CA GLU B 254 15.54 -17.01 17.33
C GLU B 254 16.98 -16.71 17.63
N MET B 255 17.43 -17.08 18.82
CA MET B 255 18.80 -16.94 19.29
C MET B 255 19.34 -18.38 19.42
N ARG B 256 20.28 -18.74 18.56
CA ARG B 256 20.80 -20.09 18.46
C ARG B 256 22.15 -20.22 19.22
N ASP B 257 22.57 -21.46 19.34
CA ASP B 257 23.64 -21.80 20.25
C ASP B 257 24.92 -20.98 19.90
N PRO B 258 25.61 -20.39 20.90
CA PRO B 258 26.89 -19.77 20.56
C PRO B 258 27.88 -20.66 19.82
N THR B 259 27.83 -21.96 20.03
CA THR B 259 28.76 -22.89 19.39
C THR B 259 28.65 -22.97 17.87
N GLU B 260 27.58 -22.46 17.30
CA GLU B 260 27.56 -22.35 15.82
C GLU B 260 28.53 -21.26 15.33
N VAL B 261 28.86 -20.32 16.21
CA VAL B 261 29.70 -19.22 15.83
C VAL B 261 31.15 -19.61 16.11
N ILE B 262 31.41 -19.94 17.36
CA ILE B 262 32.73 -20.41 17.82
C ILE B 262 32.57 -21.88 18.25
N PRO B 263 33.21 -22.85 17.57
CA PRO B 263 33.07 -24.27 17.99
C PRO B 263 33.41 -24.50 19.46
N GLU B 264 32.71 -25.47 20.06
CA GLU B 264 32.77 -25.82 21.49
C GLU B 264 34.19 -25.85 22.11
N GLU B 265 35.11 -26.55 21.46
CA GLU B 265 36.44 -26.70 21.99
C GLU B 265 37.19 -25.37 22.07
N GLU B 266 37.10 -24.52 21.04
CA GLU B 266 37.60 -23.11 21.14
C GLU B 266 36.87 -22.28 22.18
N LEU B 267 35.54 -22.35 22.20
CA LEU B 267 34.72 -21.45 23.00
C LEU B 267 34.93 -21.71 24.47
N ARG B 268 35.20 -22.97 24.80
CA ARG B 268 35.35 -23.31 26.21
C ARG B 268 36.68 -22.77 26.77
N THR B 269 37.67 -22.44 25.92
CA THR B 269 38.90 -21.79 26.38
C THR B 269 38.82 -20.27 26.56
N TRP B 270 37.72 -19.65 26.15
CA TRP B 270 37.54 -18.18 26.21
C TRP B 270 37.08 -17.73 27.56
N PRO B 271 37.50 -16.51 28.01
CA PRO B 271 37.10 -16.09 29.36
C PRO B 271 35.64 -15.77 29.48
N LYS B 272 35.14 -15.77 30.70
CA LYS B 272 33.74 -15.60 30.89
C LYS B 272 33.19 -14.19 30.53
N ASN B 273 34.05 -13.16 30.35
CA ASN B 273 33.53 -11.77 30.08
C ASN B 273 33.44 -11.54 28.56
N ILE B 274 33.53 -12.62 27.78
CA ILE B 274 33.10 -12.63 26.36
C ILE B 274 31.75 -13.43 26.23
N GLU B 275 30.70 -12.78 25.71
CA GLU B 275 29.38 -13.43 25.43
C GLU B 275 29.29 -13.52 23.93
N VAL B 276 28.91 -14.67 23.39
CA VAL B 276 28.72 -14.78 21.96
C VAL B 276 27.23 -14.65 21.72
N TRP B 277 26.79 -13.73 20.85
CA TRP B 277 25.37 -13.58 20.55
C TRP B 277 25.11 -14.02 19.10
N ASN B 278 24.10 -14.84 18.87
CA ASN B 278 23.86 -15.55 17.60
C ASN B 278 22.39 -15.53 17.16
N PRO B 279 21.89 -14.36 16.82
CA PRO B 279 20.61 -14.26 16.23
C PRO B 279 20.60 -14.86 14.82
N ALA B 280 19.56 -15.62 14.54
CA ALA B 280 19.47 -16.39 13.28
C ALA B 280 18.80 -15.56 12.20
N PHE B 281 18.13 -14.47 12.61
CA PHE B 281 17.40 -13.56 11.67
C PHE B 281 17.57 -12.09 12.02
N ASP B 282 17.30 -11.23 11.02
CA ASP B 282 17.01 -9.85 11.22
C ASP B 282 15.77 -9.37 10.45
N VAL B 283 15.38 -8.12 10.76
CA VAL B 283 14.24 -7.46 10.19
C VAL B 283 14.64 -6.41 9.17
N THR B 284 14.15 -6.56 7.95
CA THR B 284 14.37 -5.65 6.85
C THR B 284 13.11 -4.79 6.69
N PRO B 285 13.23 -3.47 6.85
CA PRO B 285 11.98 -2.67 6.77
C PRO B 285 11.52 -2.52 5.35
N PRO B 286 10.23 -2.31 5.16
CA PRO B 286 9.69 -2.31 3.79
C PRO B 286 10.24 -1.21 2.90
N GLU B 287 10.74 -0.12 3.49
CA GLU B 287 11.37 0.89 2.60
C GLU B 287 12.56 0.32 1.80
N TYR B 288 13.19 -0.77 2.30
CA TYR B 288 14.31 -1.40 1.56
C TYR B 288 13.92 -2.62 0.68
N ILE B 289 12.64 -2.83 0.47
CA ILE B 289 12.15 -3.89 -0.44
C ILE B 289 11.38 -3.23 -1.52
N ASP B 290 11.76 -3.48 -2.77
CA ASP B 290 10.98 -3.08 -3.92
C ASP B 290 9.73 -3.98 -4.24
N VAL B 291 9.90 -5.31 -4.30
CA VAL B 291 8.76 -6.22 -4.52
C VAL B 291 8.95 -7.47 -3.73
N ILE B 292 7.82 -8.05 -3.37
CA ILE B 292 7.73 -9.42 -2.90
C ILE B 292 7.06 -10.17 -4.02
N ILE B 293 7.63 -11.33 -4.36
CA ILE B 293 7.13 -12.22 -5.43
C ILE B 293 6.49 -13.41 -4.72
N THR B 294 5.16 -13.45 -4.77
CA THR B 294 4.43 -14.61 -4.22
C THR B 294 3.89 -15.44 -5.40
N GLU B 295 3.32 -16.59 -5.08
CA GLU B 295 2.73 -17.44 -6.11
C GLU B 295 1.50 -16.77 -6.66
N ARG B 296 1.01 -15.69 -6.04
CA ARG B 296 -0.07 -14.89 -6.68
C ARG B 296 0.33 -13.66 -7.43
N GLY B 297 1.61 -13.38 -7.45
CA GLY B 297 2.06 -12.23 -8.20
C GLY B 297 3.01 -11.36 -7.43
N ILE B 298 3.41 -10.34 -8.11
CA ILE B 298 4.33 -9.31 -7.64
C ILE B 298 3.51 -8.31 -6.86
N ILE B 299 3.91 -8.00 -5.63
CA ILE B 299 3.27 -6.96 -4.84
C ILE B 299 4.33 -6.01 -4.28
N PRO B 300 3.97 -4.72 -4.08
CA PRO B 300 4.79 -3.94 -3.12
C PRO B 300 4.70 -4.52 -1.75
N PRO B 301 5.74 -4.30 -0.92
CA PRO B 301 5.69 -4.92 0.41
C PRO B 301 4.60 -4.44 1.27
N TYR B 302 4.22 -3.20 1.04
CA TYR B 302 3.02 -2.62 1.73
C TYR B 302 1.68 -3.39 1.50
N ALA B 303 1.67 -4.28 0.51
CA ALA B 303 0.48 -5.09 0.28
C ALA B 303 0.53 -6.37 0.99
N ALA B 304 1.53 -6.57 1.85
CA ALA B 304 1.48 -7.72 2.67
C ALA B 304 0.19 -7.83 3.46
N ILE B 305 -0.34 -6.72 3.92
CA ILE B 305 -1.57 -6.72 4.75
C ILE B 305 -2.75 -7.29 3.98
N ASP B 306 -2.77 -7.08 2.68
CA ASP B 306 -3.81 -7.63 1.80
C ASP B 306 -3.73 -9.12 1.69
N ILE B 307 -2.53 -9.67 1.53
CA ILE B 307 -2.37 -11.13 1.49
C ILE B 307 -2.91 -11.67 2.83
N LEU B 308 -2.59 -10.99 3.90
CA LEU B 308 -2.99 -11.45 5.19
C LEU B 308 -4.50 -11.38 5.44
N LYS B 309 -5.10 -10.27 5.04
CA LYS B 309 -6.55 -10.00 5.19
C LYS B 309 -7.37 -11.07 4.43
N GLU B 310 -7.06 -11.25 3.16
CA GLU B 310 -7.86 -12.07 2.29
C GLU B 310 -7.65 -13.54 2.59
N GLU B 311 -6.48 -13.92 3.11
CA GLU B 311 -6.25 -15.32 3.36
C GLU B 311 -6.10 -15.77 4.81
N PHE B 312 -5.75 -14.92 5.77
CA PHE B 312 -5.53 -15.44 7.14
C PHE B 312 -6.30 -14.74 8.20
N GLY B 313 -6.76 -13.50 7.96
CA GLY B 313 -7.46 -12.70 8.95
C GLY B 313 -8.54 -13.47 9.71
N TRP B 314 -9.30 -14.28 8.95
CA TRP B 314 -10.50 -15.01 9.40
C TRP B 314 -10.23 -15.82 10.70
N ALA B 315 -9.04 -16.43 10.77
CA ALA B 315 -8.63 -17.34 11.86
C ALA B 315 -8.31 -16.68 13.21
N LEU B 316 -8.20 -15.35 13.20
CA LEU B 316 -7.65 -14.59 14.35
C LEU B 316 -8.58 -14.41 15.56
N LYS B 317 -9.91 -14.34 15.31
CA LYS B 317 -10.92 -14.46 16.40
C LYS B 317 -10.90 -15.83 17.12
N TYR B 318 -10.42 -16.89 16.44
CA TYR B 318 -10.30 -18.24 17.02
C TYR B 318 -8.91 -18.47 17.58
N LYS B 319 -8.87 -19.29 18.63
CA LYS B 319 -7.61 -19.86 19.17
C LYS B 319 -6.92 -20.82 18.17
N GLU B 320 -5.68 -21.21 18.46
CA GLU B 320 -4.93 -22.11 17.59
C GLU B 320 -5.71 -23.44 17.44
N PRO B 321 -5.77 -23.97 16.21
CA PRO B 321 -6.59 -25.15 16.02
C PRO B 321 -6.02 -26.37 16.61
N TRP B 322 -4.93 -26.27 17.36
CA TRP B 322 -4.42 -27.39 18.11
C TRP B 322 -4.56 -27.16 19.63
N GLU B 323 -5.11 -26.04 20.10
CA GLU B 323 -5.16 -25.76 21.56
C GLU B 323 -6.40 -26.39 22.17
N ASP B 324 -6.27 -26.96 23.37
CA ASP B 324 -7.29 -27.88 23.93
C ASP B 324 -8.24 -27.16 24.88
N ALA C 3 -7.95 -10.98 -43.00
CA ALA C 3 -7.12 -10.73 -44.21
C ALA C 3 -7.63 -9.50 -44.94
N MET C 4 -8.93 -9.24 -44.95
CA MET C 4 -9.46 -8.01 -45.59
C MET C 4 -9.61 -6.87 -44.56
N ILE C 5 -8.54 -6.07 -44.43
CA ILE C 5 -8.38 -5.03 -43.41
C ILE C 5 -8.55 -3.69 -44.08
N VAL C 6 -9.42 -2.88 -43.53
CA VAL C 6 -9.69 -1.60 -44.18
C VAL C 6 -8.55 -0.59 -44.00
N LYS C 7 -8.44 0.33 -44.96
CA LYS C 7 -7.30 1.21 -45.04
C LYS C 7 -7.21 2.04 -43.75
N GLU C 8 -8.34 2.29 -43.06
CA GLU C 8 -8.33 3.05 -41.82
C GLU C 8 -7.47 2.46 -40.65
N VAL C 9 -7.42 1.12 -40.57
CA VAL C 9 -6.67 0.41 -39.64
C VAL C 9 -5.20 0.66 -39.97
N TYR C 10 -4.85 0.57 -41.25
CA TYR C 10 -3.45 0.72 -41.69
C TYR C 10 -2.96 2.10 -41.46
N GLU C 11 -3.79 3.08 -41.78
CA GLU C 11 -3.37 4.47 -41.62
C GLU C 11 -3.37 4.91 -40.13
N THR C 12 -4.26 4.36 -39.32
CA THR C 12 -4.19 4.61 -37.87
C THR C 12 -2.84 4.07 -37.34
N ALA C 13 -2.54 2.82 -37.67
CA ALA C 13 -1.29 2.24 -37.30
C ALA C 13 -0.10 3.13 -37.73
N GLU C 14 -0.10 3.64 -38.95
CA GLU C 14 1.06 4.39 -39.44
C GLU C 14 1.20 5.67 -38.67
N LYS C 15 0.07 6.23 -38.30
CA LYS C 15 0.03 7.48 -37.56
C LYS C 15 0.42 7.34 -36.09
N ILE C 16 0.07 6.22 -35.48
CA ILE C 16 0.50 5.91 -34.15
C ILE C 16 2.03 5.74 -34.16
N LYS C 17 2.51 4.96 -35.08
CA LYS C 17 3.92 4.69 -35.21
C LYS C 17 4.79 5.95 -35.47
N SER C 18 4.31 6.88 -36.29
CA SER C 18 5.06 8.09 -36.62
C SER C 18 4.86 9.20 -35.57
N MET C 19 3.93 8.98 -34.63
CA MET C 19 3.53 9.92 -33.58
C MET C 19 2.78 11.12 -34.11
N GLU C 20 2.26 11.04 -35.32
CA GLU C 20 1.29 12.02 -35.76
C GLU C 20 0.04 11.97 -34.84
N ILE C 21 -0.33 10.78 -34.36
CA ILE C 21 -1.30 10.63 -33.27
C ILE C 21 -0.46 10.13 -32.07
N ARG C 22 -0.52 10.85 -30.95
CA ARG C 22 0.31 10.58 -29.78
C ARG C 22 -0.39 10.93 -28.50
N GLY C 23 0.24 10.64 -27.38
CA GLY C 23 -0.42 10.72 -26.07
C GLY C 23 -1.04 9.38 -25.84
N ALA C 24 -0.77 8.79 -24.69
CA ALA C 24 -1.26 7.46 -24.37
C ALA C 24 -2.81 7.25 -24.45
N GLY C 25 -3.59 8.16 -23.88
CA GLY C 25 -5.05 8.07 -23.98
C GLY C 25 -5.51 8.16 -25.41
N ARG C 26 -4.98 9.12 -26.13
CA ARG C 26 -5.40 9.36 -27.47
C ARG C 26 -5.14 8.20 -28.44
N ILE C 27 -3.96 7.57 -28.35
CA ILE C 27 -3.65 6.45 -29.18
C ILE C 27 -4.53 5.23 -28.84
N ALA C 28 -4.93 5.15 -27.59
CA ALA C 28 -5.82 4.10 -27.18
C ALA C 28 -7.24 4.33 -27.80
N ARG C 29 -7.71 5.56 -27.76
CA ARG C 29 -8.97 5.88 -28.38
C ARG C 29 -8.90 5.66 -29.86
N ALA C 30 -7.77 5.97 -30.49
CA ALA C 30 -7.63 5.77 -31.91
C ALA C 30 -7.59 4.27 -32.31
N ALA C 31 -7.05 3.40 -31.47
CA ALA C 31 -7.10 1.99 -31.72
C ALA C 31 -8.52 1.49 -31.65
N ALA C 32 -9.29 1.89 -30.65
CA ALA C 32 -10.68 1.51 -30.56
C ALA C 32 -11.44 1.99 -31.82
N GLN C 33 -11.20 3.24 -32.17
CA GLN C 33 -11.80 3.87 -33.34
C GLN C 33 -11.53 3.02 -34.61
N ALA C 34 -10.28 2.55 -34.76
CA ALA C 34 -9.88 1.73 -35.88
C ALA C 34 -10.60 0.39 -35.90
N LEU C 35 -10.77 -0.26 -34.76
CA LEU C 35 -11.51 -1.50 -34.72
C LEU C 35 -12.98 -1.25 -35.10
N MET C 36 -13.55 -0.17 -34.55
CA MET C 36 -14.92 0.27 -34.88
C MET C 36 -15.11 0.37 -36.39
N ILE C 37 -14.18 1.03 -37.04
CA ILE C 37 -14.27 1.20 -38.48
C ILE C 37 -14.04 -0.12 -39.28
N GLN C 38 -13.16 -1.02 -38.85
CA GLN C 38 -13.04 -2.31 -39.46
C GLN C 38 -14.40 -3.02 -39.42
N ALA C 39 -15.10 -2.92 -38.32
CA ALA C 39 -16.33 -3.62 -38.15
C ALA C 39 -17.46 -2.98 -39.01
N GLU C 40 -17.54 -1.65 -39.07
CA GLU C 40 -18.61 -0.94 -39.76
C GLU C 40 -18.53 -1.24 -41.23
N LYS C 41 -17.30 -1.29 -41.73
CA LYS C 41 -17.00 -1.42 -43.14
C LYS C 41 -16.69 -2.80 -43.65
N SER C 42 -16.70 -3.81 -42.76
CA SER C 42 -16.28 -5.17 -43.12
C SER C 42 -17.25 -5.64 -44.20
N LYS C 43 -16.73 -6.41 -45.14
CA LYS C 43 -17.55 -7.06 -46.15
C LYS C 43 -17.60 -8.54 -45.85
N ALA C 44 -17.40 -8.90 -44.58
CA ALA C 44 -17.48 -10.31 -44.19
C ALA C 44 -18.95 -10.77 -44.23
N LYS C 45 -19.16 -12.06 -44.47
CA LYS C 45 -20.51 -12.60 -44.54
C LYS C 45 -20.78 -13.64 -43.49
N GLU C 46 -19.74 -14.24 -42.93
CA GLU C 46 -19.87 -15.10 -41.76
C GLU C 46 -19.23 -14.44 -40.53
N PRO C 47 -19.68 -14.81 -39.31
CA PRO C 47 -19.04 -14.32 -38.07
C PRO C 47 -17.53 -14.59 -38.00
N GLU C 48 -17.16 -15.82 -38.32
CA GLU C 48 -15.80 -16.26 -38.51
C GLU C 48 -14.89 -15.27 -39.24
N GLU C 49 -15.38 -14.69 -40.33
CA GLU C 49 -14.55 -13.85 -41.21
C GLU C 49 -14.31 -12.55 -40.52
N LEU C 50 -15.36 -12.02 -39.88
CA LEU C 50 -15.24 -10.74 -39.15
C LEU C 50 -14.33 -10.91 -37.96
N TRP C 51 -14.50 -12.04 -37.24
CA TRP C 51 -13.67 -12.40 -36.12
C TRP C 51 -12.21 -12.42 -36.59
N ASN C 52 -11.92 -13.10 -37.70
CA ASN C 52 -10.55 -13.13 -38.18
C ASN C 52 -10.02 -11.72 -38.56
N GLU C 53 -10.85 -10.87 -39.12
CA GLU C 53 -10.45 -9.50 -39.40
C GLU C 53 -10.12 -8.64 -38.17
N LEU C 54 -10.91 -8.74 -37.11
CA LEU C 54 -10.73 -8.00 -35.88
C LEU C 54 -9.49 -8.46 -35.12
N LYS C 55 -9.26 -9.76 -35.12
CA LYS C 55 -8.03 -10.32 -34.62
C LYS C 55 -6.83 -9.78 -35.34
N VAL C 56 -6.91 -9.73 -36.65
CA VAL C 56 -5.76 -9.35 -37.47
C VAL C 56 -5.53 -7.83 -37.30
N ALA C 57 -6.61 -7.09 -37.28
CA ALA C 57 -6.56 -5.66 -37.13
C ALA C 57 -6.02 -5.27 -35.77
N SER C 58 -6.44 -5.99 -34.74
CA SER C 58 -5.90 -5.79 -33.38
C SER C 58 -4.38 -6.03 -33.32
N LYS C 59 -3.88 -7.09 -33.92
CA LYS C 59 -2.45 -7.38 -33.97
C LYS C 59 -1.70 -6.25 -34.64
N ILE C 60 -2.22 -5.77 -35.75
CA ILE C 60 -1.59 -4.64 -36.43
C ILE C 60 -1.47 -3.42 -35.47
N LEU C 61 -2.54 -3.12 -34.74
CA LEU C 61 -2.58 -1.95 -33.89
C LEU C 61 -1.69 -2.09 -32.67
N TYR C 62 -1.63 -3.30 -32.12
CA TYR C 62 -0.77 -3.63 -31.00
C TYR C 62 0.71 -3.45 -31.30
N ASN C 63 1.10 -3.83 -32.51
CA ASN C 63 2.51 -3.80 -32.98
C ASN C 63 3.04 -2.44 -33.44
N THR C 64 2.40 -1.35 -33.03
CA THR C 64 2.80 -0.01 -33.42
C THR C 64 3.84 0.51 -32.37
N ARG C 65 3.39 0.83 -31.15
CA ARG C 65 4.23 1.34 -30.08
C ARG C 65 4.01 0.51 -28.84
N PRO C 66 5.10 0.08 -28.15
CA PRO C 66 5.00 -0.93 -27.13
C PRO C 66 4.76 -0.43 -25.72
N THR C 67 5.12 0.81 -25.41
CA THR C 67 5.35 1.14 -24.01
C THR C 67 4.09 1.55 -23.31
N ALA C 68 3.19 2.24 -24.01
CA ALA C 68 1.94 2.65 -23.39
C ALA C 68 0.89 1.51 -23.44
N VAL C 69 0.54 1.02 -22.24
CA VAL C 69 -0.36 -0.12 -22.06
C VAL C 69 -1.79 0.23 -22.32
N SER C 70 -2.08 1.52 -22.40
CA SER C 70 -3.39 2.00 -22.77
C SER C 70 -3.85 1.44 -24.07
N LEU C 71 -2.94 1.32 -25.02
CA LEU C 71 -3.27 0.83 -26.35
C LEU C 71 -3.74 -0.65 -26.32
N PRO C 72 -2.93 -1.58 -25.76
CA PRO C 72 -3.47 -2.93 -25.55
C PRO C 72 -4.66 -3.02 -24.62
N ASN C 73 -4.78 -2.15 -23.60
CA ASN C 73 -5.98 -2.21 -22.75
C ASN C 73 -7.25 -1.83 -23.54
N ALA C 74 -7.14 -0.91 -24.49
CA ALA C 74 -8.29 -0.58 -25.34
C ALA C 74 -8.65 -1.75 -26.32
N LEU C 75 -7.64 -2.34 -26.93
CA LEU C 75 -7.85 -3.47 -27.80
C LEU C 75 -8.44 -4.60 -26.95
N ARG C 76 -8.08 -4.77 -25.68
CA ARG C 76 -8.67 -5.79 -24.85
C ARG C 76 -10.09 -5.50 -24.48
N TYR C 77 -10.37 -4.27 -24.14
CA TYR C 77 -11.71 -3.86 -23.85
C TYR C 77 -12.71 -4.33 -24.98
N VAL C 78 -12.41 -3.97 -26.21
CA VAL C 78 -13.15 -4.40 -27.39
C VAL C 78 -13.09 -5.94 -27.54
N MET C 79 -11.90 -6.51 -27.58
CA MET C 79 -11.77 -7.83 -28.03
C MET C 79 -12.22 -8.89 -27.07
N HIS C 80 -12.16 -8.65 -25.76
CA HIS C 80 -12.72 -9.60 -24.78
C HIS C 80 -14.23 -9.80 -25.07
N ARG C 81 -14.90 -8.69 -25.42
CA ARG C 81 -16.32 -8.61 -25.59
C ARG C 81 -16.74 -9.21 -26.90
N VAL C 82 -15.95 -8.93 -27.94
CA VAL C 82 -16.14 -9.52 -29.23
C VAL C 82 -15.88 -11.01 -29.16
N LYS C 83 -14.79 -11.40 -28.54
CA LYS C 83 -14.49 -12.81 -28.41
C LYS C 83 -15.60 -13.58 -27.67
N ALA C 84 -16.18 -13.00 -26.63
CA ALA C 84 -17.14 -13.74 -25.82
C ALA C 84 -18.38 -13.93 -26.64
N ALA C 85 -18.80 -12.86 -27.31
CA ALA C 85 -19.93 -12.89 -28.21
C ALA C 85 -19.69 -13.97 -29.27
N TYR C 86 -18.53 -13.90 -29.95
CA TYR C 86 -18.24 -14.86 -31.01
C TYR C 86 -18.31 -16.31 -30.50
N LEU C 87 -17.63 -16.62 -29.40
CA LEU C 87 -17.62 -17.95 -28.83
C LEU C 87 -19.00 -18.45 -28.31
N GLY C 88 -19.89 -17.53 -27.95
CA GLY C 88 -21.25 -17.87 -27.55
C GLY C 88 -22.16 -17.98 -28.75
N GLY C 89 -21.58 -18.21 -29.92
CA GLY C 89 -22.32 -18.38 -31.16
C GLY C 89 -22.98 -17.17 -31.78
N ALA C 90 -22.49 -15.97 -31.51
CA ALA C 90 -23.17 -14.77 -32.05
C ALA C 90 -23.17 -14.81 -33.56
N ASP C 91 -24.25 -14.32 -34.15
CA ASP C 91 -24.28 -14.18 -35.61
C ASP C 91 -23.49 -12.95 -36.09
N LEU C 92 -23.45 -12.71 -37.40
CA LEU C 92 -22.65 -11.68 -38.00
C LEU C 92 -22.98 -10.28 -37.49
N GLU C 93 -24.25 -9.88 -37.49
CA GLU C 93 -24.60 -8.47 -37.09
C GLU C 93 -24.54 -8.28 -35.54
N THR C 94 -24.67 -9.38 -34.81
CA THR C 94 -24.51 -9.36 -33.38
C THR C 94 -22.99 -9.12 -33.10
N LEU C 95 -22.11 -9.82 -33.80
CA LEU C 95 -20.67 -9.66 -33.62
C LEU C 95 -20.24 -8.26 -34.00
N ARG C 96 -20.77 -7.74 -35.11
CA ARG C 96 -20.33 -6.48 -35.68
C ARG C 96 -20.60 -5.38 -34.71
N PHE C 97 -21.80 -5.42 -34.17
CA PHE C 97 -22.29 -4.41 -33.31
C PHE C 97 -21.62 -4.51 -31.92
N THR C 98 -21.32 -5.71 -31.43
CA THR C 98 -20.53 -5.87 -30.24
C THR C 98 -19.15 -5.16 -30.37
N ALA C 99 -18.48 -5.34 -31.50
CA ALA C 99 -17.26 -4.57 -31.84
C ALA C 99 -17.52 -3.08 -31.84
N ILE C 100 -18.48 -2.63 -32.63
CA ILE C 100 -18.75 -1.19 -32.74
C ILE C 100 -19.10 -0.53 -31.38
N ASN C 101 -19.94 -1.19 -30.61
CA ASN C 101 -20.44 -0.65 -29.40
C ASN C 101 -19.37 -0.64 -28.27
N SER C 102 -18.64 -1.74 -28.13
CA SER C 102 -17.54 -1.83 -27.23
C SER C 102 -16.53 -0.75 -27.49
N ALA C 103 -16.20 -0.51 -28.75
CA ALA C 103 -15.31 0.59 -29.16
C ALA C 103 -15.82 1.93 -28.65
N LYS C 104 -17.04 2.26 -29.05
CA LYS C 104 -17.69 3.49 -28.59
C LYS C 104 -17.67 3.67 -27.09
N GLU C 105 -17.94 2.60 -26.35
CA GLU C 105 -17.97 2.61 -24.92
C GLU C 105 -16.56 2.94 -24.34
N PHE C 106 -15.50 2.33 -24.86
CA PHE C 106 -14.14 2.61 -24.36
C PHE C 106 -13.86 4.10 -24.59
N ILE C 107 -14.22 4.56 -25.77
CA ILE C 107 -13.93 5.91 -26.21
C ILE C 107 -14.62 6.90 -25.30
N TYR C 108 -15.90 6.70 -25.09
CA TYR C 108 -16.69 7.57 -24.19
C TYR C 108 -16.18 7.48 -22.75
N ASN C 109 -15.84 6.31 -22.24
CA ASN C 109 -15.32 6.22 -20.88
C ASN C 109 -13.96 6.93 -20.72
N SER C 110 -13.10 6.85 -21.73
CA SER C 110 -11.82 7.54 -21.74
C SER C 110 -12.05 9.03 -21.56
N GLU C 111 -12.92 9.61 -22.40
CA GLU C 111 -13.24 11.04 -22.31
C GLU C 111 -13.74 11.46 -20.90
N LYS C 112 -14.66 10.68 -20.36
CA LYS C 112 -15.20 10.94 -19.06
C LYS C 112 -14.16 10.75 -17.95
N ALA C 113 -13.30 9.74 -18.07
CA ALA C 113 -12.28 9.50 -17.06
C ALA C 113 -11.36 10.74 -16.96
N ILE C 114 -11.00 11.28 -18.12
CA ILE C 114 -10.04 12.39 -18.21
C ILE C 114 -10.64 13.65 -17.58
N GLU C 115 -11.93 13.85 -17.85
CA GLU C 115 -12.65 14.97 -17.27
C GLU C 115 -12.81 14.80 -15.75
N ARG C 116 -13.10 13.61 -15.28
CA ARG C 116 -13.20 13.32 -13.83
C ARG C 116 -11.83 13.48 -13.02
N ILE C 117 -10.73 13.10 -13.69
CA ILE C 117 -9.37 13.27 -13.16
C ILE C 117 -9.11 14.76 -13.02
N GLY C 118 -9.53 15.52 -14.01
CA GLY C 118 -9.50 16.95 -13.91
C GLY C 118 -10.12 17.50 -12.63
N GLU C 119 -11.33 17.04 -12.34
CA GLU C 119 -12.09 17.48 -11.18
C GLU C 119 -11.52 17.05 -9.87
N ILE C 120 -11.12 15.77 -9.75
CA ILE C 120 -10.51 15.28 -8.54
C ILE C 120 -9.11 15.99 -8.31
N GLY C 121 -8.30 16.12 -9.36
CA GLY C 121 -6.95 16.62 -9.24
C GLY C 121 -6.95 18.13 -8.95
N ALA C 122 -7.88 18.87 -9.55
CA ALA C 122 -7.99 20.29 -9.31
C ALA C 122 -8.21 20.65 -7.83
N LYS C 123 -8.87 19.78 -7.08
CA LYS C 123 -8.99 19.99 -5.65
C LYS C 123 -7.71 20.02 -4.83
N ARG C 124 -6.63 19.42 -5.38
CA ARG C 124 -5.34 19.50 -4.74
C ARG C 124 -4.58 20.69 -5.18
N ILE C 125 -5.05 21.41 -6.19
CA ILE C 125 -4.37 22.61 -6.62
C ILE C 125 -4.91 23.76 -5.77
N GLU C 126 -4.04 24.68 -5.42
CA GLU C 126 -4.41 25.79 -4.53
C GLU C 126 -4.09 27.12 -5.15
N ASP C 127 -4.88 28.13 -4.76
CA ASP C 127 -4.74 29.49 -5.32
C ASP C 127 -3.29 29.93 -5.08
N GLY C 128 -2.71 30.51 -6.11
CA GLY C 128 -1.33 30.94 -6.12
C GLY C 128 -0.30 29.88 -6.52
N ASP C 129 -0.74 28.64 -6.77
CA ASP C 129 0.20 27.54 -7.03
C ASP C 129 0.97 27.76 -8.31
N ILE C 130 2.28 27.51 -8.21
CA ILE C 130 3.07 27.27 -9.37
C ILE C 130 3.20 25.76 -9.56
N ILE C 131 2.93 25.30 -10.77
CA ILE C 131 2.84 23.88 -11.03
C ILE C 131 3.88 23.63 -12.08
N MET C 132 4.71 22.62 -11.88
CA MET C 132 5.54 22.19 -12.99
C MET C 132 4.91 20.95 -13.64
N THR C 133 5.07 20.82 -14.94
CA THR C 133 4.66 19.63 -15.73
C THR C 133 5.73 19.27 -16.72
N HIS C 134 5.45 18.20 -17.46
CA HIS C 134 6.41 17.66 -18.39
C HIS C 134 5.64 17.02 -19.52
N CYS C 135 6.20 17.03 -20.70
CA CYS C 135 5.57 16.59 -21.92
C CYS C 135 4.19 17.27 -22.10
N HIS C 136 3.29 16.56 -22.79
CA HIS C 136 1.93 16.94 -22.99
C HIS C 136 1.02 15.78 -22.71
N SER C 137 0.40 15.83 -21.54
CA SER C 137 -0.53 14.84 -21.05
C SER C 137 -1.89 15.50 -20.90
N LYS C 138 -2.89 14.95 -21.62
CA LYS C 138 -4.27 15.41 -21.50
C LYS C 138 -4.76 15.22 -20.12
N ALA C 139 -4.30 14.21 -19.39
CA ALA C 139 -4.83 14.04 -18.05
C ALA C 139 -4.27 15.10 -17.07
N ALA C 140 -2.96 15.35 -17.13
CA ALA C 140 -2.35 16.47 -16.34
C ALA C 140 -3.00 17.82 -16.72
N ILE C 141 -3.12 18.10 -18.00
CA ILE C 141 -3.74 19.31 -18.48
C ILE C 141 -5.20 19.44 -17.97
N SER C 142 -5.94 18.34 -17.91
CA SER C 142 -7.30 18.39 -17.38
C SER C 142 -7.34 18.97 -15.97
N VAL C 143 -6.35 18.62 -15.17
CA VAL C 143 -6.22 19.08 -13.77
C VAL C 143 -5.96 20.57 -13.72
N MET C 144 -5.04 20.99 -14.56
CA MET C 144 -4.54 22.36 -14.53
C MET C 144 -5.62 23.24 -15.05
N LYS C 145 -6.28 22.82 -16.12
CA LYS C 145 -7.40 23.58 -16.70
C LYS C 145 -8.58 23.75 -15.74
N LYS C 146 -8.99 22.63 -15.14
CA LYS C 146 -10.03 22.70 -14.11
C LYS C 146 -9.66 23.64 -12.95
N ALA C 147 -8.44 23.58 -12.40
CA ALA C 147 -8.11 24.49 -11.31
C ALA C 147 -8.26 25.96 -11.74
N PHE C 148 -7.83 26.26 -12.95
CA PHE C 148 -7.92 27.62 -13.44
C PHE C 148 -9.38 28.03 -13.67
N GLU C 149 -10.20 27.12 -14.16
CA GLU C 149 -11.62 27.38 -14.32
C GLU C 149 -12.27 27.60 -12.97
N GLN C 150 -11.79 27.00 -11.91
CA GLN C 150 -12.30 27.31 -10.59
C GLN C 150 -11.88 28.67 -10.04
N GLY C 151 -11.12 29.46 -10.80
CA GLY C 151 -10.67 30.80 -10.32
C GLY C 151 -9.33 30.81 -9.56
N LYS C 152 -8.66 29.68 -9.38
CA LYS C 152 -7.34 29.69 -8.73
C LYS C 152 -6.33 30.36 -9.69
N ASN C 153 -5.52 31.28 -9.21
CA ASN C 153 -4.49 31.93 -10.06
C ASN C 153 -3.26 31.05 -9.94
N ILE C 154 -3.02 30.30 -11.00
CA ILE C 154 -1.90 29.39 -11.06
C ILE C 154 -1.00 29.89 -12.18
N LYS C 155 0.28 29.47 -12.16
CA LYS C 155 1.13 29.59 -13.33
C LYS C 155 1.72 28.20 -13.54
N VAL C 156 1.99 27.83 -14.79
CA VAL C 156 2.51 26.53 -15.04
C VAL C 156 3.86 26.67 -15.68
N ILE C 157 4.83 25.97 -15.08
CA ILE C 157 6.13 25.83 -15.67
C ILE C 157 6.06 24.59 -16.58
N VAL C 158 6.27 24.83 -17.85
CA VAL C 158 6.26 23.81 -18.88
C VAL C 158 7.67 23.52 -19.32
N THR C 159 8.09 22.28 -19.18
CA THR C 159 9.38 21.85 -19.69
C THR C 159 9.29 21.51 -21.16
N GLU C 160 10.33 21.82 -21.92
CA GLU C 160 10.25 21.68 -23.34
C GLU C 160 10.08 20.25 -23.89
N THR C 161 10.63 19.29 -23.15
CA THR C 161 10.53 17.89 -23.42
C THR C 161 11.15 17.47 -24.74
N ARG C 162 12.48 17.51 -24.77
CA ARG C 162 13.19 16.98 -25.90
C ARG C 162 12.96 15.44 -25.94
N PRO C 163 13.11 14.80 -27.10
CA PRO C 163 13.48 15.41 -28.37
C PRO C 163 12.33 15.93 -29.24
N LYS C 164 11.10 15.52 -28.94
CA LYS C 164 9.97 15.78 -29.81
C LYS C 164 9.24 17.08 -29.52
N TRP C 165 9.70 17.81 -28.50
CA TRP C 165 9.19 19.15 -28.21
C TRP C 165 7.74 19.21 -27.83
N GLN C 166 7.25 18.20 -27.12
CA GLN C 166 5.84 18.19 -26.72
C GLN C 166 5.50 19.36 -25.83
N GLY C 167 6.49 19.87 -25.11
CA GLY C 167 6.30 21.05 -24.29
C GLY C 167 5.72 22.25 -25.02
N LYS C 168 6.04 22.36 -26.30
CA LYS C 168 5.49 23.43 -27.10
C LYS C 168 3.99 23.28 -27.25
N ILE C 169 3.48 22.06 -27.35
CA ILE C 169 2.05 21.76 -27.53
C ILE C 169 1.39 22.22 -26.26
N THR C 170 1.99 21.84 -25.13
CA THR C 170 1.42 22.13 -23.80
C THR C 170 1.41 23.61 -23.46
N ALA C 171 2.49 24.30 -23.80
CA ALA C 171 2.61 25.75 -23.55
C ALA C 171 1.51 26.55 -24.27
N LYS C 172 1.40 26.26 -25.56
CA LYS C 172 0.38 26.87 -26.38
C LYS C 172 -1.01 26.50 -25.95
N GLU C 173 -1.22 25.24 -25.56
CA GLU C 173 -2.57 24.81 -25.15
C GLU C 173 -2.97 25.51 -23.86
N LEU C 174 -2.11 25.44 -22.84
CA LEU C 174 -2.42 26.08 -21.55
C LEU C 174 -2.65 27.61 -21.69
N ALA C 175 -1.79 28.26 -22.46
CA ALA C 175 -1.90 29.68 -22.76
C ALA C 175 -3.20 30.02 -23.47
N SER C 176 -3.61 29.19 -24.42
CA SER C 176 -4.95 29.30 -25.03
C SER C 176 -6.10 29.31 -24.02
N TYR C 177 -5.99 28.61 -22.89
CA TYR C 177 -7.11 28.68 -21.88
C TYR C 177 -6.99 29.88 -20.98
N GLY C 178 -6.01 30.74 -21.22
CA GLY C 178 -5.73 31.90 -20.37
C GLY C 178 -4.77 31.64 -19.20
N ILE C 179 -4.09 30.49 -19.20
CA ILE C 179 -3.23 30.17 -18.04
C ILE C 179 -1.86 30.76 -18.32
N PRO C 180 -1.32 31.55 -17.40
CA PRO C 180 0.08 32.04 -17.63
C PRO C 180 1.11 30.88 -17.64
N VAL C 181 2.02 30.85 -18.62
CA VAL C 181 3.01 29.79 -18.79
C VAL C 181 4.44 30.34 -18.71
N ILE C 182 5.30 29.59 -18.03
CA ILE C 182 6.73 29.79 -18.05
C ILE C 182 7.32 28.60 -18.74
N TYR C 183 8.12 28.82 -19.77
CA TYR C 183 8.70 27.77 -20.59
C TYR C 183 10.21 27.70 -20.39
N ILE C 184 10.68 26.51 -20.02
CA ILE C 184 12.05 26.25 -19.71
C ILE C 184 12.56 25.01 -20.42
N VAL C 185 13.88 24.93 -20.57
CA VAL C 185 14.47 23.68 -21.00
C VAL C 185 14.39 22.64 -19.89
N ASP C 186 14.45 21.38 -20.29
CA ASP C 186 14.35 20.26 -19.34
C ASP C 186 15.43 20.34 -18.22
N SER C 187 16.67 20.64 -18.65
CA SER C 187 17.80 20.88 -17.74
C SER C 187 17.53 21.86 -16.60
N ALA C 188 16.52 22.76 -16.77
CA ALA C 188 16.29 23.80 -15.77
C ALA C 188 15.32 23.40 -14.68
N ALA C 189 14.91 22.13 -14.68
CA ALA C 189 13.87 21.70 -13.72
C ALA C 189 14.31 21.78 -12.28
N ARG C 190 15.57 21.45 -11.98
CA ARG C 190 16.05 21.64 -10.60
C ARG C 190 16.14 23.12 -10.17
N HIS C 191 16.72 23.96 -11.00
CA HIS C 191 16.92 25.39 -10.71
C HIS C 191 15.54 26.03 -10.31
N TYR C 192 14.46 25.57 -10.93
CA TYR C 192 13.13 26.12 -10.69
C TYR C 192 12.28 25.33 -9.77
N MET C 193 12.84 24.30 -9.14
CA MET C 193 12.02 23.46 -8.30
C MET C 193 11.75 24.16 -7.00
N LYS C 194 12.63 25.10 -6.57
CA LYS C 194 12.40 25.82 -5.31
C LYS C 194 11.16 26.64 -5.39
N MET C 195 10.88 27.20 -6.53
CA MET C 195 9.72 28.07 -6.67
C MET C 195 8.43 27.30 -6.99
N THR C 196 8.54 26.00 -7.29
CA THR C 196 7.40 25.15 -7.66
C THR C 196 6.68 24.65 -6.45
N ASP C 197 5.36 24.71 -6.46
CA ASP C 197 4.53 24.16 -5.38
C ASP C 197 4.03 22.75 -5.66
N LYS C 198 3.76 22.41 -6.94
CA LYS C 198 3.25 21.09 -7.26
C LYS C 198 3.81 20.62 -8.56
N VAL C 199 4.00 19.31 -8.71
CA VAL C 199 4.32 18.74 -9.96
C VAL C 199 3.16 17.85 -10.45
N VAL C 200 2.73 18.05 -11.71
CA VAL C 200 1.61 17.33 -12.25
C VAL C 200 1.99 16.81 -13.64
N MET C 201 2.04 15.47 -13.75
CA MET C 201 2.47 14.78 -14.97
C MET C 201 1.55 13.61 -15.26
N GLY C 202 1.63 13.11 -16.51
CA GLY C 202 0.85 11.97 -16.94
C GLY C 202 1.56 10.63 -16.78
N ALA C 203 1.00 9.63 -17.47
CA ALA C 203 1.61 8.32 -17.50
C ALA C 203 1.25 7.56 -18.73
N ASN C 204 2.19 6.73 -19.16
CA ASN C 204 1.99 5.79 -20.26
C ASN C 204 1.61 4.38 -19.77
N SER C 205 2.25 3.92 -18.68
CA SER C 205 1.98 2.64 -18.04
C SER C 205 2.34 2.83 -16.56
N ILE C 206 1.59 2.18 -15.70
CA ILE C 206 1.83 2.14 -14.30
C ILE C 206 1.86 0.67 -13.90
N THR C 207 2.89 0.30 -13.15
CA THR C 207 3.11 -1.09 -12.88
C THR C 207 2.49 -1.52 -11.53
N ALA C 208 2.43 -2.82 -11.30
CA ALA C 208 1.95 -3.42 -10.04
C ALA C 208 2.64 -2.91 -8.76
N ASN C 209 3.90 -2.57 -8.86
CA ASN C 209 4.56 -2.07 -7.68
C ASN C 209 4.49 -0.57 -7.50
N GLY C 210 3.76 0.12 -8.36
CA GLY C 210 3.61 1.58 -8.24
C GLY C 210 4.52 2.49 -9.06
N ALA C 211 5.34 1.90 -9.91
CA ALA C 211 6.22 2.61 -10.77
C ALA C 211 5.47 3.19 -11.97
N VAL C 212 5.93 4.36 -12.38
CA VAL C 212 5.29 5.10 -13.46
C VAL C 212 6.27 5.23 -14.60
N ILE C 213 5.81 4.80 -15.74
CA ILE C 213 6.56 4.90 -16.99
C ILE C 213 5.90 6.01 -17.78
N ASN C 214 6.70 7.05 -18.06
CA ASN C 214 6.22 8.28 -18.70
C ASN C 214 7.35 8.90 -19.52
N LYS C 215 7.05 9.90 -20.32
CA LYS C 215 8.06 10.54 -21.18
C LYS C 215 9.43 10.67 -20.52
N ILE C 216 10.45 10.32 -21.28
CA ILE C 216 11.87 10.48 -20.91
C ILE C 216 12.03 11.81 -20.14
N GLY C 217 12.57 11.71 -18.96
CA GLY C 217 12.79 12.85 -18.13
C GLY C 217 11.88 13.01 -16.92
N THR C 218 10.70 12.39 -16.97
CA THR C 218 9.79 12.40 -15.83
C THR C 218 10.49 12.03 -14.56
N SER C 219 11.28 10.99 -14.61
CA SER C 219 11.92 10.49 -13.38
C SER C 219 12.90 11.51 -12.70
N LEU C 220 13.52 12.34 -13.50
CA LEU C 220 14.47 13.33 -13.00
C LEU C 220 13.71 14.42 -12.32
N ILE C 221 12.59 14.80 -12.93
CA ILE C 221 11.74 15.81 -12.33
C ILE C 221 11.19 15.31 -11.04
N ALA C 222 10.73 14.04 -11.01
CA ALA C 222 10.14 13.53 -9.78
C ALA C 222 11.18 13.47 -8.62
N LEU C 223 12.39 13.01 -8.96
CA LEU C 223 13.53 12.92 -8.05
C LEU C 223 13.83 14.28 -7.36
N THR C 224 14.01 15.33 -8.17
CA THR C 224 14.33 16.65 -7.56
C THR C 224 13.11 17.27 -6.90
N ALA C 225 11.91 16.87 -7.36
CA ALA C 225 10.70 17.23 -6.63
C ALA C 225 10.69 16.64 -5.21
N LYS C 226 10.99 15.36 -5.12
CA LYS C 226 11.03 14.73 -3.87
C LYS C 226 12.14 15.34 -3.04
N GLU C 227 13.31 15.56 -3.66
CA GLU C 227 14.39 16.28 -2.99
C GLU C 227 13.94 17.57 -2.25
N HIS C 228 13.10 18.32 -2.93
CA HIS C 228 12.64 19.62 -2.48
C HIS C 228 11.28 19.53 -1.77
N ARG C 229 10.83 18.33 -1.40
CA ARG C 229 9.48 18.15 -0.80
C ARG C 229 8.32 18.83 -1.58
N VAL C 230 8.42 18.88 -2.90
CA VAL C 230 7.35 19.27 -3.79
C VAL C 230 6.52 18.04 -4.16
N TRP C 231 5.23 18.10 -3.89
CA TRP C 231 4.22 17.10 -4.31
C TRP C 231 4.33 16.66 -5.75
N VAL C 232 4.36 15.37 -5.93
CA VAL C 232 4.41 14.82 -7.30
C VAL C 232 3.09 14.07 -7.44
N MET C 233 2.31 14.54 -8.41
CA MET C 233 1.01 13.96 -8.73
C MET C 233 1.00 13.46 -10.12
N ILE C 234 0.54 12.23 -10.25
CA ILE C 234 0.46 11.62 -11.54
C ILE C 234 -1.06 11.45 -11.90
N ALA C 235 -1.44 12.02 -13.03
CA ALA C 235 -2.80 11.99 -13.53
C ALA C 235 -2.93 10.90 -14.57
N ALA C 236 -3.74 9.89 -14.27
CA ALA C 236 -3.72 8.66 -15.07
C ALA C 236 -5.00 7.84 -14.93
N GLU C 237 -5.62 7.60 -16.09
CA GLU C 237 -6.80 6.73 -16.21
C GLU C 237 -6.44 5.30 -15.79
N THR C 238 -7.44 4.59 -15.27
CA THR C 238 -7.27 3.22 -14.87
C THR C 238 -6.66 2.30 -15.96
N TYR C 239 -6.92 2.58 -17.23
CA TYR C 239 -6.36 1.82 -18.32
C TYR C 239 -4.89 2.19 -18.63
N LYS C 240 -4.25 3.02 -17.79
CA LYS C 240 -2.79 3.17 -17.86
C LYS C 240 -2.11 2.16 -16.97
N PHE C 241 -2.89 1.43 -16.18
CA PHE C 241 -2.30 0.43 -15.30
C PHE C 241 -2.04 -0.88 -16.07
N HIS C 242 -0.94 -1.58 -15.77
CA HIS C 242 -0.37 -2.57 -16.63
C HIS C 242 -0.55 -3.99 -16.06
N PRO C 243 -1.56 -4.74 -16.56
CA PRO C 243 -1.90 -6.04 -15.96
C PRO C 243 -0.75 -7.04 -15.99
N ALA C 244 -0.01 -7.13 -17.10
CA ALA C 244 1.01 -8.18 -17.19
C ALA C 244 2.13 -8.00 -16.07
N THR C 245 2.32 -6.78 -15.53
CA THR C 245 3.37 -6.56 -14.52
C THR C 245 3.00 -7.27 -13.18
N MET C 246 1.74 -7.58 -12.98
CA MET C 246 1.33 -8.40 -11.81
C MET C 246 1.95 -9.78 -11.78
N LEU C 247 2.27 -10.33 -12.94
CA LEU C 247 2.92 -11.64 -13.04
C LEU C 247 4.35 -11.53 -13.54
N GLY C 248 4.97 -10.36 -13.31
CA GLY C 248 6.44 -10.15 -13.42
C GLY C 248 6.93 -9.55 -14.71
N GLN C 249 6.03 -9.31 -15.63
CA GLN C 249 6.44 -8.76 -16.93
C GLN C 249 7.17 -7.45 -16.71
N LEU C 250 8.25 -7.22 -17.44
CA LEU C 250 8.87 -5.88 -17.51
C LEU C 250 8.26 -5.06 -18.58
N VAL C 251 8.17 -3.74 -18.40
CA VAL C 251 7.62 -2.91 -19.45
C VAL C 251 8.76 -2.57 -20.41
N GLU C 252 8.56 -2.79 -21.70
CA GLU C 252 9.52 -2.35 -22.70
C GLU C 252 9.52 -0.82 -22.92
N ILE C 253 10.72 -0.28 -22.92
CA ILE C 253 10.99 1.12 -23.19
C ILE C 253 11.21 1.32 -24.69
N GLU C 254 10.28 1.99 -25.39
CA GLU C 254 10.46 2.19 -26.80
C GLU C 254 11.74 2.99 -27.06
N MET C 255 12.58 2.52 -27.97
CA MET C 255 13.75 3.29 -28.52
C MET C 255 13.33 3.82 -29.88
N ARG C 256 13.28 5.13 -30.05
CA ARG C 256 12.87 5.72 -31.33
C ARG C 256 14.05 6.21 -32.13
N ASP C 257 13.74 6.60 -33.34
CA ASP C 257 14.76 6.94 -34.35
C ASP C 257 15.73 8.04 -33.86
N PRO C 258 17.05 7.82 -34.01
CA PRO C 258 17.98 8.88 -33.58
C PRO C 258 17.80 10.23 -34.33
N THR C 259 17.20 10.22 -35.50
CA THR C 259 16.92 11.45 -36.24
C THR C 259 15.88 12.33 -35.62
N GLU C 260 15.17 11.85 -34.61
CA GLU C 260 14.36 12.78 -33.84
C GLU C 260 15.24 13.66 -32.98
N VAL C 261 16.42 13.16 -32.60
CA VAL C 261 17.36 13.88 -31.81
C VAL C 261 18.23 14.80 -32.75
N ILE C 262 18.89 14.21 -33.72
CA ILE C 262 19.75 14.93 -34.64
C ILE C 262 19.16 14.73 -35.99
N PRO C 263 18.66 15.80 -36.68
CA PRO C 263 18.04 15.64 -38.00
C PRO C 263 19.00 14.91 -38.97
N GLU C 264 18.44 14.17 -39.92
CA GLU C 264 19.20 13.35 -40.87
C GLU C 264 20.32 14.13 -41.60
N GLU C 265 19.98 15.29 -42.16
CA GLU C 265 20.91 16.17 -42.85
C GLU C 265 22.18 16.45 -42.03
N GLU C 266 22.02 16.69 -40.72
CA GLU C 266 23.18 16.81 -39.81
C GLU C 266 23.76 15.45 -39.42
N LEU C 267 22.93 14.48 -39.04
CA LEU C 267 23.46 13.19 -38.56
C LEU C 267 24.32 12.40 -39.55
N ARG C 268 23.96 12.43 -40.84
CA ARG C 268 24.77 11.76 -41.87
C ARG C 268 26.21 12.26 -41.91
N THR C 269 26.42 13.55 -41.59
CA THR C 269 27.76 14.12 -41.53
C THR C 269 28.58 13.65 -40.31
N TRP C 270 27.97 13.07 -39.30
CA TRP C 270 28.71 12.70 -38.10
C TRP C 270 29.45 11.38 -38.29
N PRO C 271 30.54 11.21 -37.52
CA PRO C 271 31.31 9.99 -37.62
C PRO C 271 30.61 8.80 -37.02
N LYS C 272 31.02 7.63 -37.48
CA LYS C 272 30.47 6.35 -37.06
C LYS C 272 30.66 6.09 -35.58
N ASN C 273 31.68 6.65 -34.95
CA ASN C 273 31.91 6.35 -33.54
C ASN C 273 31.04 7.22 -32.58
N ILE C 274 30.03 7.93 -33.08
CA ILE C 274 29.02 8.53 -32.22
C ILE C 274 27.69 7.79 -32.43
N GLU C 275 27.11 7.23 -31.38
CA GLU C 275 25.78 6.62 -31.49
C GLU C 275 24.81 7.52 -30.75
N VAL C 276 23.60 7.70 -31.25
CA VAL C 276 22.58 8.55 -30.61
C VAL C 276 21.58 7.60 -30.04
N TRP C 277 21.32 7.64 -28.72
CA TRP C 277 20.30 6.78 -28.12
C TRP C 277 19.10 7.61 -27.76
N ASN C 278 17.92 7.16 -28.17
CA ASN C 278 16.70 7.91 -28.02
C ASN C 278 15.58 7.14 -27.31
N PRO C 279 15.68 6.97 -25.96
CA PRO C 279 14.62 6.32 -25.20
C PRO C 279 13.49 7.29 -25.07
N ALA C 280 12.25 6.80 -25.29
CA ALA C 280 11.11 7.69 -25.29
C ALA C 280 10.52 7.82 -23.92
N PHE C 281 10.89 6.93 -23.02
CA PHE C 281 10.31 6.89 -21.67
C PHE C 281 11.39 6.57 -20.64
N ASP C 282 11.13 6.90 -19.38
CA ASP C 282 11.85 6.42 -18.27
C ASP C 282 10.93 5.92 -17.18
N VAL C 283 11.55 5.31 -16.17
CA VAL C 283 10.84 4.73 -15.10
C VAL C 283 11.02 5.55 -13.84
N THR C 284 9.91 5.98 -13.22
CA THR C 284 9.93 6.73 -11.93
C THR C 284 9.48 5.78 -10.85
N PRO C 285 10.34 5.54 -9.84
CA PRO C 285 9.94 4.65 -8.80
C PRO C 285 8.86 5.26 -7.90
N PRO C 286 8.08 4.39 -7.27
CA PRO C 286 6.95 4.85 -6.48
C PRO C 286 7.38 5.73 -5.31
N GLU C 287 8.57 5.54 -4.79
CA GLU C 287 9.02 6.40 -3.67
C GLU C 287 9.00 7.89 -4.00
N TYR C 288 9.03 8.27 -5.27
CA TYR C 288 9.06 9.64 -5.67
C TYR C 288 7.72 10.09 -6.24
N ILE C 289 6.63 9.37 -5.97
CA ILE C 289 5.29 9.79 -6.37
C ILE C 289 4.45 9.87 -5.11
N ASP C 290 3.77 10.98 -4.89
CA ASP C 290 2.92 11.17 -3.73
C ASP C 290 1.54 10.59 -3.96
N VAL C 291 0.91 10.88 -5.10
CA VAL C 291 -0.40 10.26 -5.44
C VAL C 291 -0.54 10.00 -6.92
N ILE C 292 -1.43 9.07 -7.24
CA ILE C 292 -1.92 8.92 -8.62
C ILE C 292 -3.35 9.36 -8.52
N ILE C 293 -3.75 10.17 -9.49
CA ILE C 293 -5.13 10.61 -9.60
C ILE C 293 -5.76 9.87 -10.80
N THR C 294 -6.65 8.96 -10.45
CA THR C 294 -7.44 8.20 -11.43
C THR C 294 -8.89 8.71 -11.41
N GLU C 295 -9.66 8.30 -12.44
CA GLU C 295 -11.08 8.54 -12.47
C GLU C 295 -11.78 7.92 -11.25
N ARG C 296 -11.15 7.02 -10.48
CA ARG C 296 -11.82 6.54 -9.27
C ARG C 296 -11.34 7.15 -7.97
N GLY C 297 -10.43 8.12 -8.03
CA GLY C 297 -9.86 8.69 -6.82
C GLY C 297 -8.36 8.78 -6.75
N ILE C 298 -7.97 9.34 -5.64
CA ILE C 298 -6.62 9.54 -5.23
C ILE C 298 -6.15 8.25 -4.63
N ILE C 299 -4.98 7.79 -5.05
CA ILE C 299 -4.38 6.63 -4.34
C ILE C 299 -2.89 6.89 -4.12
N PRO C 300 -2.29 6.30 -3.06
CA PRO C 300 -0.85 6.22 -3.03
C PRO C 300 -0.37 5.34 -4.18
N PRO C 301 0.89 5.54 -4.72
CA PRO C 301 1.38 4.70 -5.84
C PRO C 301 1.38 3.16 -5.54
N TYR C 302 1.53 2.81 -4.28
CA TYR C 302 1.47 1.43 -3.82
C TYR C 302 0.06 0.75 -3.90
N ALA C 303 -1.00 1.49 -4.26
CA ALA C 303 -2.34 0.88 -4.44
C ALA C 303 -2.54 0.63 -5.92
N ALA C 304 -1.50 0.79 -6.74
CA ALA C 304 -1.66 0.48 -8.12
C ALA C 304 -2.09 -0.99 -8.26
N ILE C 305 -1.50 -1.83 -7.44
CA ILE C 305 -1.80 -3.28 -7.45
C ILE C 305 -3.33 -3.60 -7.22
N ASP C 306 -3.98 -2.80 -6.40
CA ASP C 306 -5.45 -2.88 -6.16
C ASP C 306 -6.26 -2.37 -7.37
N ILE C 307 -5.80 -1.34 -8.04
CA ILE C 307 -6.44 -1.01 -9.33
C ILE C 307 -6.40 -2.24 -10.26
N LEU C 308 -5.21 -2.83 -10.35
CA LEU C 308 -5.00 -3.99 -11.23
C LEU C 308 -5.80 -5.21 -10.81
N LYS C 309 -5.75 -5.56 -9.55
CA LYS C 309 -6.42 -6.79 -9.08
C LYS C 309 -7.93 -6.67 -9.29
N GLU C 310 -8.48 -5.51 -8.95
CA GLU C 310 -9.90 -5.27 -9.03
C GLU C 310 -10.38 -5.13 -10.47
N GLU C 311 -9.55 -4.66 -11.41
CA GLU C 311 -10.07 -4.44 -12.74
C GLU C 311 -9.57 -5.34 -13.85
N PHE C 312 -8.34 -5.85 -13.73
CA PHE C 312 -7.64 -6.57 -14.85
C PHE C 312 -7.18 -7.99 -14.55
N GLY C 313 -7.19 -8.38 -13.28
CA GLY C 313 -6.45 -9.56 -12.79
C GLY C 313 -7.08 -10.85 -13.31
N TRP C 314 -8.43 -10.84 -13.33
CA TRP C 314 -9.29 -11.87 -13.95
C TRP C 314 -8.77 -12.40 -15.33
N ALA C 315 -8.24 -11.48 -16.15
CA ALA C 315 -7.94 -11.72 -17.57
C ALA C 315 -6.60 -12.39 -17.84
N LEU C 316 -5.75 -12.40 -16.79
CA LEU C 316 -4.39 -12.96 -16.90
C LEU C 316 -4.38 -14.49 -17.01
N LYS C 317 -5.39 -15.14 -16.39
CA LYS C 317 -5.78 -16.57 -16.63
C LYS C 317 -5.71 -17.00 -18.12
N TYR C 318 -6.27 -16.16 -19.01
CA TYR C 318 -6.50 -16.43 -20.47
C TYR C 318 -5.48 -15.74 -21.41
N LYS C 319 -5.40 -16.21 -22.65
CA LYS C 319 -4.53 -15.56 -23.67
C LYS C 319 -5.13 -14.22 -24.12
N GLU C 320 -4.32 -13.41 -24.81
CA GLU C 320 -4.86 -12.15 -25.35
C GLU C 320 -6.11 -12.48 -26.17
N PRO C 321 -7.13 -11.63 -26.10
CA PRO C 321 -8.34 -11.94 -26.86
C PRO C 321 -8.24 -11.86 -28.38
N TRP C 322 -7.16 -11.35 -28.92
CA TRP C 322 -6.96 -11.38 -30.36
C TRP C 322 -6.10 -12.56 -30.78
N GLU C 323 -5.63 -13.40 -29.85
CA GLU C 323 -4.77 -14.52 -30.22
C GLU C 323 -5.66 -15.72 -30.53
N ASP C 324 -5.04 -16.65 -31.30
CA ASP C 324 -5.75 -17.71 -32.05
C ASP C 324 -6.10 -18.92 -31.20
P RI2 D . -7.56 11.22 20.63
C1 RI2 D . -6.11 16.23 19.52
O1 RI2 D . -6.44 17.48 18.91
C2 RI2 D . -4.61 15.94 19.41
O2 RI2 D . -4.07 16.36 18.12
C3 RI2 D . -4.62 14.42 19.48
O3 RI2 D . -3.42 13.82 19.01
C4 RI2 D . -5.82 14.06 18.60
O4 RI2 D . -6.78 15.13 18.80
C5 RI2 D . -6.38 12.66 18.79
O5 RI2 D . -6.73 12.49 20.12
PA RI2 D . -7.05 18.71 19.76
O1A RI2 D . -6.82 19.88 18.89
O1P RI2 D . -7.87 11.37 22.07
O2A RI2 D . -8.58 18.44 19.86
O2P RI2 D . -8.77 11.19 19.76
O3A RI2 D . -6.45 18.73 21.16
O3P RI2 D . -6.62 10.01 20.40
K K E . 16.67 5.70 19.68
CL CL F . -4.29 17.47 3.05
C1 MRD G . 15.86 14.80 6.46
C2 MRD G . 17.01 13.91 6.17
O2 MRD G . 17.33 13.83 4.77
CM MRD G . 18.17 14.56 6.85
C3 MRD G . 16.86 12.48 6.66
C4 MRD G . 15.57 11.71 6.48
O4 MRD G . 14.76 12.17 5.40
C5 MRD G . 14.71 11.84 7.71
C1 PEG H . -7.86 22.70 26.31
O1 PEG H . -6.44 22.51 25.99
C2 PEG H . -8.29 22.11 27.68
O2 PEG H . -9.33 21.08 27.67
C3 PEG H . -9.72 20.58 28.99
C4 PEG H . -8.59 19.69 29.56
O4 PEG H . -7.79 20.32 30.62
C1 EDO I . -16.05 23.78 9.52
O1 EDO I . -16.89 22.65 9.23
C2 EDO I . -15.72 23.94 11.02
O2 EDO I . -15.35 25.30 11.38
P RI2 J . 13.01 -20.88 1.53
C1 RI2 J . 15.92 -19.85 5.87
O1 RI2 J . 15.98 -19.97 7.28
C2 RI2 J . 16.65 -18.64 5.35
O2 RI2 J . 16.51 -17.44 6.16
C3 RI2 J . 15.97 -18.48 4.02
O3 RI2 J . 16.11 -17.27 3.29
C4 RI2 J . 14.50 -18.67 4.41
O4 RI2 J . 14.55 -19.69 5.41
C5 RI2 J . 13.58 -18.95 3.25
O5 RI2 J . 13.92 -20.17 2.65
PA RI2 J . 16.83 -21.11 8.03
O1A RI2 J . 15.83 -22.34 8.20
O1P RI2 J . 11.68 -21.17 2.12
O2A RI2 J . 17.04 -20.60 9.40
O2P RI2 J . 13.77 -22.11 1.14
O3A RI2 J . 18.05 -21.49 7.21
O3P RI2 J . 12.73 -19.98 0.34
K K K . 24.63 -1.70 -9.21
CL CL L . 8.27 -7.85 14.39
C1 PEG M . -1.48 -0.43 -1.04
O1 PEG M . -0.93 -1.77 -1.33
C2 PEG M . -3.00 -0.38 -0.80
O2 PEG M . -3.55 -1.71 -0.52
C3 PEG M . -2.89 -2.33 0.60
C4 PEG M . -2.25 -1.48 1.71
O4 PEG M . -0.89 -1.03 1.52
P RI2 N . -2.05 11.45 -21.83
C1 RI2 N . 2.72 10.67 -23.81
O1 RI2 N . 3.54 9.82 -24.51
C2 RI2 N . 3.52 11.38 -22.69
O2 RI2 N . 4.48 10.47 -22.12
C3 RI2 N . 2.42 11.69 -21.74
O3 RI2 N . 2.78 11.96 -20.40
C4 RI2 N . 1.68 10.32 -21.75
O4 RI2 N . 1.77 9.86 -23.11
C5 RI2 N . 0.29 10.39 -21.22
O5 RI2 N . -0.45 11.27 -22.05
PA RI2 N . 3.88 10.00 -26.06
O1A RI2 N . 2.68 9.37 -26.81
O1P RI2 N . -2.36 11.98 -20.43
O2A RI2 N . 4.01 11.42 -26.45
O2P RI2 N . -2.64 10.02 -21.89
O3A RI2 N . 5.12 9.24 -26.31
O3P RI2 N . -2.46 12.47 -22.88
K K O . 9.18 24.41 -3.76
CL CL P . 9.21 -2.29 -15.54
#